data_5OX1
#
_entry.id   5OX1
#
_cell.length_a   128.660
_cell.length_b   128.660
_cell.length_c   116.210
_cell.angle_alpha   90.00
_cell.angle_beta   90.00
_cell.angle_gamma   90.00
#
_symmetry.space_group_name_H-M   'P 43 21 2'
#
loop_
_entity.id
_entity.type
_entity.pdbx_description
1 polymer 'Glycogen phosphorylase, muscle form'
2 non-polymer (2~{R},3~{S},4~{R},5~{R},6~{S})-2-(hydroxymethyl)-6-[5-(4-methoxyphenyl)-1~{H}-1,2,4-triazol-3-yl]oxane-3,4,5-triol
3 non-polymer 'DIMETHYL SULFOXIDE'
4 non-polymer "PYRIDOXAL-5'-PHOSPHATE"
5 water water
#
_entity_poly.entity_id   1
_entity_poly.type   'polypeptide(L)'
_entity_poly.pdbx_seq_one_letter_code
;MSRPLSDQEKRKQISVRGLAGVENVTELKKNFNRHLHFTLVKDRNVATPRDYYFALAHTVRDHLVGRWIRTQQHYYEKDP
KRIYYLSLEFYMGRTLQNTMVNLALENACDEATYQLGLDMEELEEIEEDAGLGNGGLGRLAACFLDSMATLGLAAYGYGI
RYEFGIFNQKICGGWQMEEADDWLRYGNPWEKARPEFTLPVHFYGRVEHTSQGAKWVDTQVVLAMPYDTPVPGYRNNVVN
TMRLWSAKAPNDFNLKDFNVGGYIQAVLDRNLAENISRVLYPNDNFFEGKELRLKQEYFVVAATLQDIIRRFKSSKFGCR
DPVRTNFDAFPDKVAIQLNDTHPSLAIPELMRVLVDLERLDWDKAWEVTVKTCAYTNHTVLPEALERWPVHLLETLLPRH
LQIIYEINQRFLNRVAAAFPGDVDRLRRMSLVEEGAVKRINMAHLCIAGSHAVNGVARIHSEILKKTIFKDFYELEPHKF
QNKTNGITPRRWLVLCNPGLAEIIAERIGEEYISDLDQLRKLLSYVDDEAFIRDVAKVKQENKLKFAAYLEREYKVHINP
NSLFDVQVKRIHEYKRQLLNCLHVITLYNRIKKEPNKFVVPRTVMIGGKAAPGYHMAKMIIKLITAIGDVVNHDPVVGDR
LRVIFLENYRVSLAEKVIPAADLSEQISTAGTEASGTGNMKFMLNGALTIGTMDGANVEMAEEAGEENFFIFGMRVEDVD
RLDQRGYNAQEYYDRIPELRQIIEQLSSGFFSPKQPDLFKDIVNMLMHHDRFKVFADYEEYVKCQERVSALYKNPREWTR
MVIRNIATSGKFSSDRTIAQYAREIWGVEPSRQRLPAPDEKIP
;
_entity_poly.pdbx_strand_id   A
#
loop_
_chem_comp.id
_chem_comp.type
_chem_comp.name
_chem_comp.formula
B1K non-polymer (2~{R},3~{S},4~{R},5~{R},6~{S})-2-(hydroxymethyl)-6-[5-(4-methoxyphenyl)-1~{H}-1,2,4-triazol-3-yl]oxane-3,4,5-triol 'C15 H19 N3 O6'
DMS non-polymer 'DIMETHYL SULFOXIDE' 'C2 H6 O S'
PLP non-polymer PYRIDOXAL-5'-PHOSPHATE 'C8 H10 N O6 P'
#
# COMPACT_ATOMS: atom_id res chain seq x y z
N GLN A 13 9.78 -15.55 26.48
CA GLN A 13 8.38 -15.70 27.01
C GLN A 13 7.44 -16.53 26.09
N ILE A 14 7.23 -16.09 24.84
CA ILE A 14 6.38 -16.81 23.87
C ILE A 14 7.19 -17.50 22.75
N SER A 15 6.78 -18.73 22.41
CA SER A 15 7.56 -19.63 21.53
C SER A 15 7.85 -19.09 20.13
N VAL A 16 6.87 -18.47 19.48
CA VAL A 16 7.06 -17.94 18.10
C VAL A 16 8.11 -16.81 18.00
N ARG A 17 8.49 -16.22 19.14
CA ARG A 17 9.57 -15.23 19.16
C ARG A 17 11.00 -15.81 19.22
N GLY A 18 11.12 -17.14 19.30
CA GLY A 18 12.40 -17.84 19.13
C GLY A 18 13.14 -18.16 20.43
N LEU A 19 14.38 -18.62 20.29
CA LEU A 19 15.21 -19.02 21.44
C LEU A 19 16.04 -17.89 21.99
N ALA A 20 16.22 -17.88 23.31
CA ALA A 20 17.11 -16.94 23.98
C ALA A 20 18.21 -17.73 24.70
N GLY A 21 19.13 -18.30 23.91
CA GLY A 21 20.29 -19.01 24.44
C GLY A 21 21.34 -18.11 25.12
N VAL A 22 21.98 -18.65 26.15
CA VAL A 22 22.99 -17.93 26.93
C VAL A 22 24.10 -17.28 26.05
N GLU A 23 24.58 -18.02 25.06
CA GLU A 23 25.67 -17.54 24.18
C GLU A 23 25.19 -16.37 23.34
N ASN A 24 24.03 -16.55 22.72
CA ASN A 24 23.42 -15.54 21.88
C ASN A 24 23.17 -14.23 22.67
N VAL A 25 22.55 -14.35 23.84
CA VAL A 25 22.24 -13.19 24.67
C VAL A 25 23.50 -12.46 25.15
N THR A 26 24.51 -13.22 25.56
CA THR A 26 25.81 -12.67 25.95
C THR A 26 26.46 -11.87 24.78
N GLU A 27 26.40 -12.43 23.57
CA GLU A 27 27.01 -11.79 22.38
C GLU A 27 26.23 -10.52 21.93
N LEU A 28 24.91 -10.58 21.99
CA LEU A 28 24.08 -9.39 21.74
C LEU A 28 24.39 -8.25 22.72
N LYS A 29 24.53 -8.58 24.01
CA LYS A 29 24.87 -7.55 25.00
C LYS A 29 26.23 -6.90 24.74
N LYS A 30 27.23 -7.70 24.41
CA LYS A 30 28.56 -7.20 24.06
C LYS A 30 28.52 -6.25 22.87
N ASN A 31 27.83 -6.67 21.82
CA ASN A 31 27.76 -5.89 20.61
C ASN A 31 26.93 -4.62 20.78
N PHE A 32 25.89 -4.67 21.59
CA PHE A 32 25.13 -3.46 21.94
C PHE A 32 26.05 -2.40 22.60
N ASN A 33 26.82 -2.84 23.59
CA ASN A 33 27.76 -1.95 24.28
C ASN A 33 28.87 -1.44 23.37
N ARG A 34 29.34 -2.29 22.45
CA ARG A 34 30.32 -1.88 21.45
C ARG A 34 29.76 -0.76 20.55
N HIS A 35 28.54 -0.93 20.05
CA HIS A 35 27.94 0.09 19.19
C HIS A 35 27.68 1.39 19.98
N LEU A 36 27.28 1.28 21.25
CA LEU A 36 26.99 2.47 22.04
C LEU A 36 28.25 3.33 22.18
N HIS A 37 29.38 2.67 22.41
CA HIS A 37 30.66 3.31 22.58
C HIS A 37 31.23 3.76 21.23
N PHE A 38 31.49 2.80 20.33
CA PHE A 38 32.22 3.09 19.08
C PHE A 38 31.40 3.73 17.98
N THR A 39 30.15 3.33 17.84
CA THR A 39 29.33 3.81 16.75
C THR A 39 28.64 5.11 17.15
N LEU A 40 28.06 5.15 18.34
CA LEU A 40 27.31 6.32 18.77
C LEU A 40 28.13 7.34 19.55
N VAL A 41 29.30 6.95 20.07
CA VAL A 41 30.18 7.82 20.84
C VAL A 41 29.45 8.42 22.05
N LYS A 42 28.80 7.54 22.81
CA LYS A 42 28.11 7.89 24.05
C LYS A 42 28.57 6.91 25.13
N ASP A 43 28.46 7.30 26.40
CA ASP A 43 28.51 6.31 27.51
C ASP A 43 27.14 6.29 28.15
N ARG A 44 26.91 5.31 29.03
CA ARG A 44 25.61 5.11 29.69
C ARG A 44 25.13 6.34 30.48
N ASN A 45 26.05 7.19 30.95
CA ASN A 45 25.66 8.35 31.78
C ASN A 45 24.93 9.45 31.01
N VAL A 46 25.18 9.56 29.71
CA VAL A 46 24.53 10.58 28.89
C VAL A 46 23.67 10.01 27.74
N ALA A 47 23.55 8.68 27.64
CA ALA A 47 22.74 8.09 26.56
C ALA A 47 21.26 8.32 26.81
N THR A 48 20.55 8.65 25.74
CA THR A 48 19.08 8.77 25.76
C THR A 48 18.43 7.53 25.20
N PRO A 49 17.10 7.38 25.39
CA PRO A 49 16.41 6.28 24.73
C PRO A 49 16.68 6.16 23.22
N ARG A 50 16.87 7.29 22.53
CA ARG A 50 17.15 7.25 21.09
C ARG A 50 18.51 6.64 20.81
N ASP A 51 19.50 6.94 21.64
CA ASP A 51 20.81 6.31 21.51
C ASP A 51 20.71 4.79 21.70
N TYR A 52 19.88 4.36 22.65
CA TYR A 52 19.69 2.94 22.91
C TYR A 52 19.01 2.22 21.74
N TYR A 53 18.00 2.84 21.14
CA TYR A 53 17.42 2.35 19.92
C TYR A 53 18.48 2.16 18.81
N PHE A 54 19.29 3.18 18.53
CA PHE A 54 20.33 3.04 17.49
C PHE A 54 21.35 1.94 17.78
N ALA A 55 21.72 1.79 19.05
CA ALA A 55 22.65 0.75 19.45
C ALA A 55 22.06 -0.64 19.14
N LEU A 56 20.79 -0.81 19.42
CA LEU A 56 20.11 -2.10 19.14
C LEU A 56 19.96 -2.31 17.63
N ALA A 57 19.55 -1.27 16.91
CA ALA A 57 19.42 -1.36 15.45
C ALA A 57 20.74 -1.74 14.76
N HIS A 58 21.84 -1.11 15.16
CA HIS A 58 23.15 -1.53 14.60
C HIS A 58 23.52 -2.97 14.99
N THR A 59 23.18 -3.38 16.21
CA THR A 59 23.44 -4.75 16.66
C THR A 59 22.70 -5.78 15.81
N VAL A 60 21.42 -5.49 15.51
CA VAL A 60 20.61 -6.39 14.70
C VAL A 60 21.04 -6.35 13.23
N ARG A 61 21.37 -5.16 12.73
CA ARG A 61 21.86 -4.98 11.38
C ARG A 61 23.09 -5.85 11.10
N ASP A 62 24.01 -5.91 12.04
CA ASP A 62 25.21 -6.75 11.91
C ASP A 62 24.87 -8.21 11.56
N HIS A 63 23.77 -8.74 12.11
CA HIS A 63 23.31 -10.11 11.78
C HIS A 63 22.80 -10.30 10.35
N LEU A 64 22.37 -9.22 9.71
CA LEU A 64 21.94 -9.24 8.33
C LEU A 64 23.09 -9.31 7.34
N VAL A 65 24.25 -8.73 7.66
CA VAL A 65 25.21 -8.39 6.58
C VAL A 65 25.85 -9.62 5.95
N GLY A 66 26.18 -10.63 6.75
CA GLY A 66 26.79 -11.85 6.24
C GLY A 66 25.85 -12.55 5.28
N ARG A 67 24.58 -12.60 5.67
CA ARG A 67 23.54 -13.23 4.84
C ARG A 67 23.29 -12.45 3.54
N TRP A 68 23.32 -11.13 3.63
CA TRP A 68 23.13 -10.24 2.49
C TRP A 68 24.24 -10.43 1.46
N ILE A 69 25.48 -10.44 1.93
CA ILE A 69 26.63 -10.66 1.06
C ILE A 69 26.54 -12.04 0.41
N ARG A 70 26.21 -13.06 1.20
CA ARG A 70 26.22 -14.44 0.69
C ARG A 70 25.06 -14.66 -0.29
N THR A 71 23.90 -14.07 -0.01
CA THR A 71 22.76 -14.14 -0.94
C THR A 71 23.11 -13.54 -2.33
N GLN A 72 23.67 -12.33 -2.33
CA GLN A 72 24.01 -11.66 -3.59
C GLN A 72 25.10 -12.41 -4.36
N GLN A 73 26.07 -12.97 -3.64
CA GLN A 73 27.10 -13.86 -4.19
C GLN A 73 26.47 -15.11 -4.83
N HIS A 74 25.54 -15.74 -4.12
CA HIS A 74 24.83 -16.91 -4.62
C HIS A 74 24.10 -16.62 -5.95
N TYR A 75 23.46 -15.45 -6.07
CA TYR A 75 22.79 -15.06 -7.32
C TYR A 75 23.79 -14.81 -8.46
N TYR A 76 24.93 -14.23 -8.13
CA TYR A 76 26.01 -14.10 -9.12
C TYR A 76 26.46 -15.47 -9.66
N GLU A 77 26.65 -16.45 -8.77
CA GLU A 77 27.15 -17.79 -9.13
C GLU A 77 26.12 -18.63 -9.89
N LYS A 78 24.88 -18.69 -9.37
CA LYS A 78 23.80 -19.49 -9.98
C LYS A 78 23.16 -18.84 -11.21
N ASP A 79 23.27 -17.52 -11.32
CA ASP A 79 22.65 -16.73 -12.39
C ASP A 79 21.16 -17.07 -12.68
N PRO A 80 20.28 -17.01 -11.65
CA PRO A 80 18.86 -17.27 -11.90
C PRO A 80 18.25 -16.12 -12.68
N LYS A 81 17.07 -16.34 -13.23
CA LYS A 81 16.27 -15.24 -13.74
C LYS A 81 16.00 -14.21 -12.63
N ARG A 82 16.25 -12.94 -12.91
CA ARG A 82 16.11 -11.86 -11.95
C ARG A 82 14.77 -11.18 -12.12
N ILE A 83 14.10 -10.89 -11.01
CA ILE A 83 12.82 -10.19 -11.00
C ILE A 83 13.01 -8.75 -10.52
N TYR A 84 12.59 -7.78 -11.33
CA TYR A 84 12.71 -6.36 -10.99
C TYR A 84 11.33 -5.74 -10.80
N TYR A 85 11.05 -5.34 -9.57
CA TYR A 85 9.76 -4.80 -9.19
C TYR A 85 9.89 -3.28 -9.10
N LEU A 86 9.36 -2.59 -10.11
CA LEU A 86 9.52 -1.15 -10.26
C LEU A 86 8.28 -0.44 -9.70
N SER A 87 8.49 0.45 -8.76
CA SER A 87 7.39 1.15 -8.08
C SER A 87 7.84 2.54 -7.69
N LEU A 88 6.92 3.50 -7.77
CA LEU A 88 7.20 4.83 -7.25
C LEU A 88 6.99 4.88 -5.74
N GLU A 89 6.46 3.81 -5.16
CA GLU A 89 6.10 3.77 -3.73
C GLU A 89 6.47 2.45 -3.09
N PHE A 90 7.10 2.54 -1.92
CA PHE A 90 7.36 1.40 -1.05
C PHE A 90 7.04 1.85 0.37
N TYR A 91 5.92 1.41 0.90
CA TYR A 91 5.48 1.85 2.22
C TYR A 91 5.96 0.82 3.25
N MET A 92 7.21 0.99 3.71
CA MET A 92 7.90 -0.04 4.49
C MET A 92 7.56 -0.06 5.97
N GLY A 93 7.22 1.09 6.54
CA GLY A 93 7.06 1.22 7.99
C GLY A 93 8.38 1.05 8.73
N ARG A 94 8.33 0.57 9.97
CA ARG A 94 9.54 0.31 10.75
C ARG A 94 10.19 -1.00 10.37
N THR A 95 11.50 -1.09 10.59
CA THR A 95 12.31 -2.24 10.19
C THR A 95 12.86 -3.10 11.32
N LEU A 96 13.02 -2.55 12.51
CA LEU A 96 13.74 -3.24 13.60
C LEU A 96 13.06 -4.54 13.98
N GLN A 97 11.77 -4.45 14.31
CA GLN A 97 11.05 -5.64 14.78
C GLN A 97 10.92 -6.68 13.66
N ASN A 98 10.64 -6.22 12.47
CA ASN A 98 10.50 -7.13 11.33
C ASN A 98 11.79 -7.91 11.06
N THR A 99 12.92 -7.22 11.20
CA THR A 99 14.22 -7.86 11.05
C THR A 99 14.44 -8.95 12.11
N MET A 100 14.11 -8.65 13.36
CA MET A 100 14.25 -9.60 14.44
C MET A 100 13.34 -10.82 14.20
N VAL A 101 12.10 -10.57 13.80
CA VAL A 101 11.14 -11.66 13.51
C VAL A 101 11.73 -12.61 12.44
N ASN A 102 12.21 -12.04 11.35
CA ASN A 102 12.70 -12.83 10.22
C ASN A 102 14.02 -13.53 10.47
N LEU A 103 14.80 -13.05 11.43
CA LEU A 103 16.04 -13.70 11.80
C LEU A 103 15.92 -14.57 13.08
N ALA A 104 14.73 -14.68 13.63
CA ALA A 104 14.47 -15.42 14.86
C ALA A 104 15.22 -14.88 16.09
N LEU A 105 15.39 -13.56 16.16
CA LEU A 105 16.17 -12.90 17.22
C LEU A 105 15.35 -12.18 18.27
N GLU A 106 14.02 -12.18 18.13
CA GLU A 106 13.20 -11.35 18.99
C GLU A 106 13.33 -11.65 20.50
N ASN A 107 13.22 -12.92 20.90
CA ASN A 107 13.33 -13.25 22.33
C ASN A 107 14.75 -12.98 22.87
N ALA A 108 15.76 -13.25 22.06
CA ALA A 108 17.15 -13.03 22.43
C ALA A 108 17.44 -11.55 22.67
N CYS A 109 16.96 -10.71 21.75
CA CYS A 109 17.12 -9.25 21.90
C CYS A 109 16.32 -8.74 23.11
N ASP A 110 15.14 -9.32 23.33
CA ASP A 110 14.30 -8.94 24.48
C ASP A 110 15.04 -9.21 25.77
N GLU A 111 15.62 -10.40 25.86
CA GLU A 111 16.37 -10.82 27.05
C GLU A 111 17.65 -10.00 27.23
N ALA A 112 18.40 -9.81 26.14
CA ALA A 112 19.61 -8.99 26.20
C ALA A 112 19.33 -7.58 26.70
N THR A 113 18.36 -6.91 26.10
CA THR A 113 18.01 -5.55 26.51
C THR A 113 17.47 -5.53 27.96
N TYR A 114 16.63 -6.50 28.32
CA TYR A 114 16.14 -6.63 29.69
C TYR A 114 17.29 -6.68 30.72
N GLN A 115 18.33 -7.46 30.43
CA GLN A 115 19.50 -7.56 31.33
C GLN A 115 20.35 -6.28 31.39
N LEU A 116 20.25 -5.44 30.36
CA LEU A 116 20.86 -4.11 30.36
C LEU A 116 19.99 -3.01 31.00
N GLY A 117 18.83 -3.37 31.54
CA GLY A 117 17.94 -2.43 32.23
C GLY A 117 17.04 -1.65 31.29
N LEU A 118 16.74 -2.20 30.12
CA LEU A 118 16.00 -1.49 29.07
C LEU A 118 14.78 -2.29 28.61
N ASP A 119 13.75 -1.56 28.20
CA ASP A 119 12.51 -2.13 27.70
C ASP A 119 12.53 -2.02 26.17
N MET A 120 12.62 -3.17 25.50
CA MET A 120 12.77 -3.21 24.06
C MET A 120 11.56 -2.64 23.31
N GLU A 121 10.36 -2.86 23.84
CA GLU A 121 9.16 -2.28 23.24
C GLU A 121 9.19 -0.75 23.21
N GLU A 122 9.80 -0.15 24.23
CA GLU A 122 9.96 1.32 24.30
C GLU A 122 10.96 1.81 23.26
N LEU A 123 12.04 1.05 23.07
CA LEU A 123 13.04 1.36 22.03
C LEU A 123 12.44 1.26 20.62
N GLU A 124 11.60 0.24 20.41
CA GLU A 124 10.95 0.05 19.09
C GLU A 124 10.12 1.27 18.67
N GLU A 125 9.48 1.92 19.64
CA GLU A 125 8.61 3.07 19.39
C GLU A 125 9.35 4.30 18.96
N ILE A 126 10.68 4.34 19.12
CA ILE A 126 11.47 5.48 18.69
C ILE A 126 11.72 5.51 17.19
N GLU A 127 11.69 4.36 16.53
CA GLU A 127 12.01 4.29 15.11
C GLU A 127 10.95 5.02 14.26
N GLU A 128 11.41 5.77 13.26
CA GLU A 128 10.50 6.46 12.33
C GLU A 128 9.96 5.43 11.33
N ASP A 129 8.68 5.51 10.95
CA ASP A 129 8.23 4.81 9.73
C ASP A 129 8.97 5.30 8.52
N ALA A 130 9.37 4.37 7.67
CA ALA A 130 9.75 4.73 6.32
C ALA A 130 8.42 4.83 5.56
N GLY A 131 7.95 6.05 5.38
CA GLY A 131 6.64 6.32 4.84
C GLY A 131 6.68 6.69 3.38
N LEU A 132 7.32 5.86 2.55
CA LEU A 132 7.53 6.21 1.15
C LEU A 132 6.39 5.73 0.25
N GLY A 133 5.17 5.86 0.75
CA GLY A 133 3.98 5.54 -0.04
C GLY A 133 2.74 6.21 0.54
N ASN A 134 1.64 6.13 -0.19
CA ASN A 134 0.41 6.79 0.18
C ASN A 134 -0.53 5.87 0.96
N GLY A 135 -0.54 4.58 0.67
CA GLY A 135 -1.52 3.67 1.25
C GLY A 135 -1.32 2.30 0.67
N GLY A 136 -2.40 1.76 0.11
CA GLY A 136 -2.43 0.36 -0.31
C GLY A 136 -1.44 -0.09 -1.35
N LEU A 137 -1.22 0.74 -2.37
CA LEU A 137 -0.33 0.41 -3.49
C LEU A 137 1.09 0.32 -3.01
N GLY A 138 1.51 1.29 -2.20
CA GLY A 138 2.86 1.26 -1.64
C GLY A 138 3.07 0.16 -0.63
N ARG A 139 2.04 -0.12 0.15
CA ARG A 139 2.17 -1.17 1.16
C ARG A 139 2.16 -2.56 0.51
N LEU A 140 1.47 -2.69 -0.61
CA LEU A 140 1.48 -3.94 -1.37
C LEU A 140 2.90 -4.26 -1.88
N ALA A 141 3.59 -3.24 -2.36
CA ALA A 141 4.95 -3.38 -2.79
C ALA A 141 5.84 -3.87 -1.64
N ALA A 142 5.62 -3.36 -0.43
CA ALA A 142 6.37 -3.80 0.74
C ALA A 142 6.10 -5.24 1.16
N CYS A 143 4.82 -5.64 1.19
CA CYS A 143 4.45 -7.03 1.45
C CYS A 143 5.06 -7.95 0.40
N PHE A 144 5.00 -7.53 -0.86
CA PHE A 144 5.57 -8.31 -1.95
C PHE A 144 7.08 -8.52 -1.77
N LEU A 145 7.83 -7.51 -1.36
CA LEU A 145 9.27 -7.71 -1.17
C LEU A 145 9.55 -8.77 -0.10
N ASP A 146 8.77 -8.73 0.99
CA ASP A 146 8.88 -9.70 2.07
C ASP A 146 8.57 -11.13 1.58
N SER A 147 7.51 -11.27 0.81
CA SER A 147 7.16 -12.57 0.22
C SER A 147 8.18 -13.08 -0.79
N MET A 148 8.70 -12.20 -1.64
CA MET A 148 9.72 -12.62 -2.62
C MET A 148 11.01 -13.16 -1.97
N ALA A 149 11.43 -12.53 -0.87
CA ALA A 149 12.56 -12.99 -0.09
C ALA A 149 12.28 -14.33 0.62
N THR A 150 11.07 -14.45 1.19
CA THR A 150 10.66 -15.65 1.86
C THR A 150 10.53 -16.85 0.90
N LEU A 151 10.21 -16.58 -0.37
CA LEU A 151 10.12 -17.61 -1.40
C LEU A 151 11.39 -17.81 -2.23
N GLY A 152 12.49 -17.20 -1.81
CA GLY A 152 13.79 -17.47 -2.40
C GLY A 152 13.93 -16.97 -3.82
N LEU A 153 13.20 -15.93 -4.21
CA LEU A 153 13.30 -15.40 -5.57
C LEU A 153 14.41 -14.35 -5.61
N ALA A 154 15.12 -14.31 -6.73
CA ALA A 154 16.21 -13.35 -6.94
C ALA A 154 15.56 -12.03 -7.37
N ALA A 155 15.02 -11.30 -6.39
CA ALA A 155 14.16 -10.17 -6.65
C ALA A 155 14.75 -8.89 -6.10
N TYR A 156 14.52 -7.81 -6.84
CA TYR A 156 15.01 -6.47 -6.48
C TYR A 156 13.86 -5.50 -6.56
N GLY A 157 13.68 -4.70 -5.52
CA GLY A 157 12.72 -3.61 -5.55
C GLY A 157 13.50 -2.36 -5.93
N TYR A 158 12.98 -1.60 -6.90
CA TYR A 158 13.59 -0.34 -7.36
C TYR A 158 12.60 0.78 -7.26
N GLY A 159 13.03 1.88 -6.64
CA GLY A 159 12.23 3.05 -6.42
C GLY A 159 13.05 4.31 -6.22
N ILE A 160 12.43 5.28 -5.57
CA ILE A 160 13.04 6.59 -5.28
C ILE A 160 13.15 6.74 -3.79
N ARG A 161 14.29 7.24 -3.35
CA ARG A 161 14.52 7.56 -1.96
C ARG A 161 14.05 8.99 -1.74
N TYR A 162 12.78 9.14 -1.41
CA TYR A 162 12.25 10.47 -1.13
C TYR A 162 12.85 11.00 0.17
N GLU A 163 13.30 12.25 0.18
CA GLU A 163 13.74 12.88 1.40
C GLU A 163 12.56 13.10 2.38
N PHE A 164 11.37 13.33 1.83
CA PHE A 164 10.16 13.55 2.62
C PHE A 164 9.11 12.58 2.09
N GLY A 165 8.62 11.71 2.99
CA GLY A 165 7.62 10.72 2.62
C GLY A 165 6.25 11.32 2.80
N ILE A 166 5.27 10.45 3.05
CA ILE A 166 3.90 10.94 3.22
C ILE A 166 3.88 11.88 4.44
N PHE A 167 3.26 13.05 4.32
CA PHE A 167 3.23 14.03 5.41
C PHE A 167 2.67 13.47 6.74
N ASN A 168 3.16 14.01 7.85
CA ASN A 168 2.60 13.79 9.17
C ASN A 168 1.34 14.65 9.29
N GLN A 169 0.26 14.01 9.69
CA GLN A 169 -1.04 14.68 9.89
C GLN A 169 -1.24 15.13 11.31
N LYS A 170 -1.55 16.41 11.48
CA LYS A 170 -1.96 16.96 12.78
C LYS A 170 -3.39 17.42 12.61
N ILE A 171 -4.19 17.28 13.64
CA ILE A 171 -5.54 17.82 13.66
C ILE A 171 -5.56 19.07 14.54
N CYS A 172 -5.91 20.22 13.95
CA CYS A 172 -6.02 21.48 14.66
CA CYS A 172 -6.00 21.50 14.65
C CYS A 172 -7.41 22.06 14.46
N GLY A 173 -8.14 22.23 15.57
CA GLY A 173 -9.52 22.72 15.52
C GLY A 173 -10.43 21.82 14.71
N GLY A 174 -10.10 20.53 14.67
CA GLY A 174 -10.81 19.56 13.86
C GLY A 174 -10.42 19.47 12.38
N TRP A 175 -9.45 20.27 11.93
CA TRP A 175 -8.99 20.28 10.54
C TRP A 175 -7.62 19.60 10.42
N GLN A 176 -7.43 18.88 9.33
CA GLN A 176 -6.11 18.38 8.94
C GLN A 176 -5.14 19.54 8.65
N MET A 177 -3.98 19.47 9.28
CA MET A 177 -2.81 20.27 8.93
C MET A 177 -1.72 19.26 8.52
N GLU A 178 -0.90 19.64 7.55
CA GLU A 178 0.21 18.82 7.08
C GLU A 178 1.56 19.35 7.57
N GLU A 179 2.43 18.44 7.99
CA GLU A 179 3.82 18.73 8.34
C GLU A 179 4.72 17.79 7.59
N ALA A 180 5.87 18.30 7.18
CA ALA A 180 6.85 17.52 6.44
C ALA A 180 7.34 16.35 7.30
N ASP A 181 7.49 15.21 6.65
CA ASP A 181 7.91 13.95 7.26
C ASP A 181 9.43 13.86 7.07
N ASP A 182 10.17 14.47 7.99
CA ASP A 182 11.63 14.53 7.91
C ASP A 182 12.22 13.24 8.51
N TRP A 183 11.91 12.12 7.85
CA TRP A 183 12.20 10.79 8.37
C TRP A 183 13.69 10.46 8.45
N LEU A 184 14.53 11.20 7.72
CA LEU A 184 15.97 10.95 7.70
C LEU A 184 16.77 11.80 8.70
N ARG A 185 16.08 12.62 9.48
CA ARG A 185 16.72 13.63 10.34
C ARG A 185 17.80 13.01 11.24
N TYR A 186 17.45 11.90 11.89
CA TYR A 186 18.36 11.24 12.84
C TYR A 186 19.24 10.16 12.18
N GLY A 187 19.12 10.01 10.86
CA GLY A 187 19.82 8.95 10.13
C GLY A 187 18.94 7.72 9.97
N ASN A 188 19.30 6.90 8.99
CA ASN A 188 18.61 5.64 8.69
C ASN A 188 19.69 4.55 8.75
N PRO A 189 19.69 3.72 9.81
CA PRO A 189 20.73 2.72 9.94
C PRO A 189 20.59 1.53 8.97
N TRP A 190 19.43 1.41 8.33
CA TRP A 190 19.12 0.27 7.51
C TRP A 190 19.62 0.39 6.07
N GLU A 191 19.92 1.59 5.60
CA GLU A 191 20.34 1.79 4.21
C GLU A 191 21.87 1.84 4.10
N LYS A 192 22.39 1.44 2.96
CA LYS A 192 23.81 1.63 2.63
C LYS A 192 23.89 2.41 1.33
N ALA A 193 24.45 3.62 1.42
CA ALA A 193 24.74 4.43 0.23
C ALA A 193 25.74 3.68 -0.61
N ARG A 194 25.52 3.68 -1.93
CA ARG A 194 26.49 3.10 -2.85
C ARG A 194 26.88 4.14 -3.90
N PRO A 195 27.54 5.26 -3.48
CA PRO A 195 27.90 6.35 -4.42
C PRO A 195 28.74 5.91 -5.62
N GLU A 196 29.44 4.80 -5.48
CA GLU A 196 30.18 4.17 -6.57
C GLU A 196 29.40 3.59 -7.75
N PHE A 197 28.08 3.34 -7.60
CA PHE A 197 27.25 2.83 -8.71
C PHE A 197 26.30 3.93 -9.21
N THR A 198 26.70 5.17 -8.98
CA THR A 198 25.98 6.34 -9.47
C THR A 198 25.94 6.35 -10.99
N LEU A 199 24.78 6.71 -11.55
CA LEU A 199 24.53 6.65 -13.00
C LEU A 199 23.89 7.96 -13.50
N PRO A 200 24.15 8.33 -14.76
CA PRO A 200 23.55 9.56 -15.29
C PRO A 200 22.16 9.33 -15.87
N VAL A 201 21.29 10.31 -15.68
CA VAL A 201 19.95 10.34 -16.26
C VAL A 201 19.82 11.64 -17.04
N HIS A 202 19.27 11.54 -18.26
CA HIS A 202 19.17 12.65 -19.21
C HIS A 202 17.75 13.22 -19.31
N PHE A 203 17.68 14.54 -19.45
CA PHE A 203 16.42 15.25 -19.64
C PHE A 203 16.56 16.35 -20.70
N TYR A 204 15.41 16.73 -21.28
CA TYR A 204 15.32 17.78 -22.30
C TYR A 204 16.06 17.39 -23.56
N GLY A 205 16.83 18.31 -24.14
CA GLY A 205 17.59 18.06 -25.34
C GLY A 205 16.74 18.05 -26.60
N ARG A 206 17.28 17.43 -27.63
CA ARG A 206 16.61 17.29 -28.92
C ARG A 206 17.13 16.04 -29.61
N VAL A 207 16.41 15.60 -30.64
CA VAL A 207 16.79 14.42 -31.41
C VAL A 207 17.42 14.83 -32.73
N GLU A 208 18.59 14.26 -33.04
CA GLU A 208 19.22 14.40 -34.35
C GLU A 208 19.13 13.08 -35.06
N HIS A 209 18.78 13.10 -36.35
CA HIS A 209 18.81 11.88 -37.18
C HIS A 209 20.07 11.87 -38.03
N THR A 210 20.99 10.97 -37.69
CA THR A 210 22.18 10.71 -38.49
C THR A 210 21.86 9.60 -39.49
N SER A 211 22.84 9.28 -40.34
CA SER A 211 22.73 8.21 -41.34
C SER A 211 22.53 6.81 -40.71
N GLN A 212 23.16 6.57 -39.56
CA GLN A 212 22.91 5.34 -38.79
C GLN A 212 22.25 5.65 -37.42
N GLY A 213 20.95 6.01 -37.48
CA GLY A 213 20.08 6.12 -36.31
C GLY A 213 19.87 7.50 -35.71
N ALA A 214 18.98 7.54 -34.72
CA ALA A 214 18.67 8.75 -33.97
C ALA A 214 19.66 8.93 -32.83
N LYS A 215 19.91 10.18 -32.47
CA LYS A 215 20.82 10.52 -31.37
C LYS A 215 20.10 11.58 -30.51
N TRP A 216 20.09 11.36 -29.20
CA TRP A 216 19.45 12.28 -28.26
C TRP A 216 20.57 13.13 -27.70
N VAL A 217 20.57 14.42 -28.02
CA VAL A 217 21.72 15.30 -27.74
C VAL A 217 21.28 16.55 -26.99
N ASP A 218 22.27 17.29 -26.47
CA ASP A 218 22.09 18.59 -25.78
C ASP A 218 21.23 18.46 -24.54
N THR A 219 21.37 17.33 -23.86
CA THR A 219 20.54 17.01 -22.70
C THR A 219 21.12 17.62 -21.42
N GLN A 220 20.26 17.77 -20.42
CA GLN A 220 20.67 18.11 -19.04
C GLN A 220 20.81 16.80 -18.30
N VAL A 221 21.85 16.70 -17.47
CA VAL A 221 22.19 15.47 -16.79
C VAL A 221 21.91 15.64 -15.30
N VAL A 222 21.25 14.66 -14.70
CA VAL A 222 21.12 14.52 -13.27
C VAL A 222 21.69 13.15 -12.90
N LEU A 223 22.44 13.08 -11.81
CA LEU A 223 22.97 11.79 -11.35
C LEU A 223 21.96 11.07 -10.45
N ALA A 224 21.93 9.75 -10.57
CA ALA A 224 21.15 8.86 -9.74
C ALA A 224 22.11 8.06 -8.85
N MET A 225 22.08 8.36 -7.55
CA MET A 225 22.87 7.67 -6.55
C MET A 225 22.03 6.64 -5.80
N PRO A 226 22.45 5.36 -5.82
CA PRO A 226 21.64 4.32 -5.17
C PRO A 226 21.93 4.15 -3.69
N TYR A 227 20.87 3.89 -2.93
CA TYR A 227 20.96 3.47 -1.53
C TYR A 227 20.28 2.11 -1.45
N ASP A 228 20.97 1.15 -0.85
CA ASP A 228 20.48 -0.23 -0.77
C ASP A 228 19.99 -0.55 0.63
N THR A 229 18.82 -1.17 0.73
CA THR A 229 18.24 -1.60 2.00
C THR A 229 18.05 -3.09 1.93
N PRO A 230 18.45 -3.83 3.00
CA PRO A 230 18.24 -5.29 3.00
C PRO A 230 16.79 -5.69 3.26
N VAL A 231 16.35 -6.76 2.59
CA VAL A 231 15.01 -7.31 2.74
C VAL A 231 15.13 -8.78 3.14
N PRO A 232 15.03 -9.09 4.45
CA PRO A 232 15.25 -10.47 4.89
C PRO A 232 14.04 -11.35 4.64
N GLY A 233 14.27 -12.56 4.18
CA GLY A 233 13.20 -13.56 4.13
C GLY A 233 12.95 -14.16 5.49
N TYR A 234 11.82 -14.88 5.64
CA TYR A 234 11.46 -15.49 6.91
C TYR A 234 12.26 -16.77 7.22
N ARG A 235 13.27 -16.62 8.07
CA ARG A 235 14.09 -17.73 8.59
C ARG A 235 14.71 -18.64 7.54
N ASN A 236 15.02 -18.08 6.38
CA ASN A 236 15.63 -18.84 5.29
C ASN A 236 17.02 -18.36 4.91
N ASN A 237 17.55 -17.38 5.66
CA ASN A 237 18.85 -16.76 5.40
C ASN A 237 18.99 -16.07 4.06
N VAL A 238 17.87 -15.76 3.40
CA VAL A 238 17.90 -15.02 2.16
C VAL A 238 17.75 -13.55 2.52
N VAL A 239 18.58 -12.69 1.94
CA VAL A 239 18.43 -11.25 2.13
C VAL A 239 18.52 -10.61 0.75
N ASN A 240 17.40 -10.09 0.27
CA ASN A 240 17.33 -9.43 -1.02
C ASN A 240 17.57 -7.95 -0.85
N THR A 241 17.56 -7.21 -1.95
CA THR A 241 17.88 -5.77 -1.96
C THR A 241 16.71 -4.93 -2.45
N MET A 242 16.44 -3.83 -1.76
CA MET A 242 15.61 -2.74 -2.24
C MET A 242 16.56 -1.59 -2.57
N ARG A 243 16.61 -1.22 -3.84
CA ARG A 243 17.54 -0.15 -4.27
C ARG A 243 16.74 1.12 -4.59
N LEU A 244 17.01 2.21 -3.85
CA LEU A 244 16.29 3.44 -4.02
C LEU A 244 17.25 4.55 -4.50
N TRP A 245 16.85 5.26 -5.55
CA TRP A 245 17.69 6.25 -6.17
C TRP A 245 17.44 7.63 -5.56
N SER A 246 18.53 8.38 -5.39
CA SER A 246 18.48 9.77 -4.92
C SER A 246 19.15 10.65 -5.97
N ALA A 247 18.63 11.85 -6.16
CA ALA A 247 19.07 12.74 -7.25
C ALA A 247 20.20 13.62 -6.79
N LYS A 248 21.27 13.71 -7.59
CA LYS A 248 22.43 14.56 -7.30
C LYS A 248 22.80 15.36 -8.54
N ALA A 249 23.19 16.60 -8.36
CA ALA A 249 23.63 17.40 -9.49
C ALA A 249 25.06 17.02 -9.85
N PRO A 250 25.44 17.02 -11.13
CA PRO A 250 26.91 16.90 -11.40
C PRO A 250 27.72 18.12 -10.92
N ASN A 251 29.02 17.97 -10.72
CA ASN A 251 29.84 19.07 -10.10
C ASN A 251 30.10 20.30 -10.96
N ASP A 252 29.95 20.14 -12.27
CA ASP A 252 30.01 21.27 -13.22
C ASP A 252 28.62 21.89 -13.51
N PHE A 253 27.58 21.43 -12.80
CA PHE A 253 26.18 21.89 -12.98
C PHE A 253 26.09 23.42 -12.84
N ASN A 254 25.60 24.06 -13.91
CA ASN A 254 25.55 25.52 -14.05
C ASN A 254 26.91 26.23 -13.94
N LEU A 255 28.04 25.51 -14.14
CA LEU A 255 29.39 26.09 -13.94
C LEU A 255 30.34 25.95 -15.14
N GLY A 262 26.23 34.58 -10.56
CA GLY A 262 27.62 34.14 -10.61
C GLY A 262 27.87 32.79 -9.91
N TYR A 263 29.07 32.62 -9.37
CA TYR A 263 29.48 31.37 -8.72
C TYR A 263 28.56 30.91 -7.60
N ILE A 264 28.22 31.80 -6.66
CA ILE A 264 27.40 31.42 -5.50
C ILE A 264 26.03 30.92 -5.97
N GLN A 265 25.41 31.67 -6.88
CA GLN A 265 24.06 31.27 -7.38
C GLN A 265 24.07 29.93 -8.10
N ALA A 266 25.13 29.65 -8.87
CA ALA A 266 25.27 28.36 -9.56
C ALA A 266 25.31 27.16 -8.60
N VAL A 267 25.99 27.34 -7.47
CA VAL A 267 26.02 26.30 -6.48
C VAL A 267 24.64 26.14 -5.82
N LEU A 268 24.00 27.25 -5.49
CA LEU A 268 22.66 27.19 -4.85
C LEU A 268 21.62 26.54 -5.78
N ASP A 269 21.76 26.79 -7.08
CA ASP A 269 20.84 26.23 -8.09
C ASP A 269 20.96 24.74 -8.32
N ARG A 270 21.94 24.08 -7.71
CA ARG A 270 21.96 22.60 -7.73
C ARG A 270 20.68 21.95 -7.18
N ASN A 271 19.99 22.65 -6.27
CA ASN A 271 18.68 22.25 -5.75
C ASN A 271 17.63 21.97 -6.83
N LEU A 272 17.70 22.66 -7.95
CA LEU A 272 16.77 22.40 -9.05
C LEU A 272 16.85 20.93 -9.52
N ALA A 273 18.07 20.39 -9.65
CA ALA A 273 18.26 18.98 -10.05
C ALA A 273 17.89 18.04 -8.92
N GLU A 274 18.25 18.41 -7.71
CA GLU A 274 18.10 17.51 -6.56
C GLU A 274 16.66 17.46 -6.06
N ASN A 275 15.83 18.42 -6.46
CA ASN A 275 14.40 18.36 -6.15
C ASN A 275 13.65 17.16 -6.69
N ILE A 276 14.21 16.46 -7.67
CA ILE A 276 13.54 15.27 -8.22
C ILE A 276 13.19 14.23 -7.15
N SER A 277 14.11 13.98 -6.23
CA SER A 277 13.87 13.02 -5.18
C SER A 277 13.46 13.64 -3.84
N ARG A 278 12.94 14.86 -3.81
CA ARG A 278 12.71 15.53 -2.55
C ARG A 278 11.46 15.04 -1.83
N VAL A 279 10.38 14.84 -2.56
CA VAL A 279 9.10 14.61 -1.91
C VAL A 279 8.15 13.69 -2.70
N LEU A 280 7.50 12.81 -1.95
CA LEU A 280 6.45 11.93 -2.45
C LEU A 280 5.20 12.74 -2.77
N TYR A 281 4.66 12.58 -3.98
CA TYR A 281 3.33 13.13 -4.28
C TYR A 281 2.27 12.40 -3.43
N PRO A 282 1.49 13.16 -2.65
CA PRO A 282 0.65 12.58 -1.59
C PRO A 282 -0.80 12.27 -2.03
N ASN A 283 -1.00 11.93 -3.30
CA ASN A 283 -2.33 11.64 -3.81
C ASN A 283 -2.54 10.14 -3.87
N ASP A 284 -3.65 9.70 -3.34
CA ASP A 284 -4.02 8.32 -3.44
C ASP A 284 -5.15 8.27 -4.46
N ASN A 285 -5.01 7.42 -5.48
CA ASN A 285 -6.03 7.25 -6.52
C ASN A 285 -6.43 8.54 -7.23
N PHE A 286 -5.44 9.36 -7.56
CA PHE A 286 -5.70 10.62 -8.25
C PHE A 286 -4.44 10.96 -9.06
N PHE A 287 -4.65 11.40 -10.29
CA PHE A 287 -3.56 11.77 -11.17
C PHE A 287 -3.39 13.29 -11.20
N GLU A 288 -2.20 13.75 -10.84
CA GLU A 288 -1.82 15.17 -10.98
C GLU A 288 -0.69 15.23 -12.02
N GLY A 289 -0.97 15.85 -13.15
CA GLY A 289 -0.07 15.89 -14.29
C GLY A 289 0.97 16.99 -14.21
N LYS A 290 1.86 16.91 -13.24
CA LYS A 290 2.88 17.94 -13.05
C LYS A 290 4.24 17.48 -13.58
N GLU A 291 5.00 18.42 -14.12
CA GLU A 291 6.30 18.12 -14.67
C GLU A 291 7.22 17.41 -13.68
N LEU A 292 7.23 17.85 -12.43
CA LEU A 292 8.09 17.25 -11.43
C LEU A 292 7.80 15.76 -11.25
N ARG A 293 6.51 15.39 -11.26
CA ARG A 293 6.13 13.98 -11.17
C ARG A 293 6.60 13.18 -12.38
N LEU A 294 6.49 13.76 -13.58
CA LEU A 294 7.00 13.10 -14.76
C LEU A 294 8.51 12.89 -14.65
N LYS A 295 9.24 13.88 -14.15
CA LYS A 295 10.67 13.72 -13.93
C LYS A 295 10.99 12.58 -12.98
N GLN A 296 10.24 12.46 -11.89
CA GLN A 296 10.42 11.35 -10.97
C GLN A 296 10.24 10.01 -11.64
N GLU A 297 9.18 9.89 -12.45
CA GLU A 297 8.90 8.66 -13.17
C GLU A 297 10.02 8.27 -14.12
N TYR A 298 10.53 9.21 -14.89
CA TYR A 298 11.62 8.87 -15.79
C TYR A 298 12.92 8.56 -15.03
N PHE A 299 13.21 9.36 -14.02
CA PHE A 299 14.40 9.21 -13.18
C PHE A 299 14.52 7.76 -12.68
N VAL A 300 13.47 7.25 -12.07
CA VAL A 300 13.52 5.90 -11.54
C VAL A 300 13.69 4.85 -12.66
N VAL A 301 13.01 5.04 -13.77
CA VAL A 301 13.09 4.13 -14.89
C VAL A 301 14.47 4.12 -15.57
N ALA A 302 15.03 5.29 -15.83
CA ALA A 302 16.28 5.39 -16.58
C ALA A 302 17.46 4.82 -15.79
N ALA A 303 17.50 5.13 -14.50
CA ALA A 303 18.57 4.61 -13.64
C ALA A 303 18.44 3.10 -13.48
N THR A 304 17.22 2.65 -13.20
CA THR A 304 16.96 1.22 -13.00
C THR A 304 17.33 0.39 -14.24
N LEU A 305 16.87 0.82 -15.41
CA LEU A 305 17.16 0.07 -16.64
C LEU A 305 18.65 -0.03 -16.94
N GLN A 306 19.43 1.02 -16.70
CA GLN A 306 20.89 0.91 -16.85
C GLN A 306 21.48 -0.14 -15.91
N ASP A 307 20.97 -0.17 -14.68
CA ASP A 307 21.44 -1.12 -13.68
C ASP A 307 21.10 -2.55 -14.10
N ILE A 308 19.90 -2.74 -14.64
CA ILE A 308 19.46 -4.04 -15.12
C ILE A 308 20.35 -4.54 -16.26
N ILE A 309 20.62 -3.66 -17.22
CA ILE A 309 21.39 -4.03 -18.38
C ILE A 309 22.84 -4.33 -17.97
N ARG A 310 23.40 -3.53 -17.06
CA ARG A 310 24.78 -3.77 -16.57
C ARG A 310 24.92 -5.19 -16.01
N ARG A 311 23.97 -5.56 -15.15
CA ARG A 311 23.95 -6.83 -14.46
C ARG A 311 23.75 -7.97 -15.46
N PHE A 312 22.93 -7.74 -16.48
CA PHE A 312 22.73 -8.72 -17.55
C PHE A 312 24.01 -8.97 -18.39
N LYS A 313 24.75 -7.92 -18.71
CA LYS A 313 25.99 -8.07 -19.50
C LYS A 313 27.14 -8.72 -18.71
N SER A 314 27.10 -8.63 -17.37
CA SER A 314 28.09 -9.26 -16.48
C SER A 314 27.61 -10.62 -15.95
N SER A 315 26.92 -11.40 -16.79
CA SER A 315 26.27 -12.64 -16.32
CA SER A 315 26.29 -12.68 -16.39
C SER A 315 27.25 -13.62 -15.68
N THR A 325 25.89 -8.74 -25.95
CA THR A 325 25.64 -8.91 -27.39
C THR A 325 24.30 -9.57 -27.63
N ASN A 326 24.05 -10.71 -26.96
CA ASN A 326 22.88 -11.54 -27.26
C ASN A 326 21.66 -11.20 -26.40
N PHE A 327 20.93 -10.18 -26.84
CA PHE A 327 19.70 -9.77 -26.19
C PHE A 327 18.52 -10.70 -26.43
N ASP A 328 18.64 -11.72 -27.29
CA ASP A 328 17.58 -12.76 -27.38
C ASP A 328 17.34 -13.45 -26.05
N ALA A 329 18.38 -13.59 -25.23
CA ALA A 329 18.29 -14.22 -23.91
C ALA A 329 17.79 -13.30 -22.79
N PHE A 330 17.60 -12.02 -23.09
CA PHE A 330 17.27 -11.01 -22.09
C PHE A 330 15.99 -11.38 -21.30
N PRO A 331 14.89 -11.69 -22.01
CA PRO A 331 13.68 -12.11 -21.30
C PRO A 331 13.79 -13.43 -20.52
N ASP A 332 14.76 -14.28 -20.83
CA ASP A 332 15.04 -15.48 -20.02
C ASP A 332 15.77 -15.15 -18.71
N LYS A 333 16.42 -14.00 -18.62
CA LYS A 333 17.17 -13.60 -17.46
C LYS A 333 16.60 -12.40 -16.70
N VAL A 334 15.58 -11.76 -17.25
CA VAL A 334 15.05 -10.54 -16.69
C VAL A 334 13.53 -10.54 -16.80
N ALA A 335 12.86 -10.24 -15.67
CA ALA A 335 11.43 -9.87 -15.67
C ALA A 335 11.30 -8.48 -15.04
N ILE A 336 10.51 -7.61 -15.67
CA ILE A 336 10.25 -6.29 -15.13
C ILE A 336 8.76 -6.19 -14.87
N GLN A 337 8.39 -5.97 -13.61
CA GLN A 337 7.00 -5.81 -13.24
C GLN A 337 6.72 -4.35 -12.96
N LEU A 338 5.73 -3.80 -13.65
CA LEU A 338 5.37 -2.41 -13.55
C LEU A 338 4.23 -2.27 -12.54
N ASN A 339 4.50 -1.60 -11.43
CA ASN A 339 3.49 -1.36 -10.39
C ASN A 339 2.61 -0.17 -10.82
N ASP A 340 1.54 -0.50 -11.56
CA ASP A 340 0.69 0.45 -12.25
C ASP A 340 1.46 1.14 -13.38
N THR A 341 0.96 2.25 -13.89
CA THR A 341 1.57 2.90 -15.06
C THR A 341 2.65 3.84 -14.63
N HIS A 342 2.86 4.00 -13.32
CA HIS A 342 3.82 5.03 -12.86
C HIS A 342 5.23 4.83 -13.45
N PRO A 343 5.72 3.58 -13.58
CA PRO A 343 6.99 3.36 -14.28
C PRO A 343 6.84 2.93 -15.74
N SER A 344 5.73 3.31 -16.39
CA SER A 344 5.44 2.87 -17.77
C SER A 344 6.48 3.31 -18.80
N LEU A 345 7.21 4.39 -18.51
CA LEU A 345 8.27 4.82 -19.41
C LEU A 345 9.38 3.78 -19.55
N ALA A 346 9.42 2.75 -18.70
CA ALA A 346 10.31 1.60 -18.90
C ALA A 346 10.18 0.98 -20.31
N ILE A 347 8.96 0.96 -20.84
CA ILE A 347 8.72 0.39 -22.18
C ILE A 347 9.45 1.16 -23.29
N PRO A 348 9.17 2.48 -23.45
CA PRO A 348 9.92 3.20 -24.48
C PRO A 348 11.40 3.40 -24.14
N GLU A 349 11.76 3.42 -22.86
CA GLU A 349 13.18 3.51 -22.49
C GLU A 349 13.94 2.25 -22.90
N LEU A 350 13.35 1.08 -22.65
CA LEU A 350 13.99 -0.16 -23.08
C LEU A 350 14.14 -0.18 -24.61
N MET A 351 13.12 0.25 -25.33
CA MET A 351 13.19 0.37 -26.79
C MET A 351 14.29 1.32 -27.21
N ARG A 352 14.38 2.46 -26.53
CA ARG A 352 15.42 3.47 -26.83
C ARG A 352 16.82 2.89 -26.69
N VAL A 353 17.07 2.24 -25.56
CA VAL A 353 18.37 1.66 -25.32
C VAL A 353 18.69 0.58 -26.37
N LEU A 354 17.75 -0.33 -26.62
CA LEU A 354 18.00 -1.43 -27.55
C LEU A 354 18.18 -0.97 -29.01
N VAL A 355 17.39 0.01 -29.44
CA VAL A 355 17.45 0.49 -30.83
C VAL A 355 18.55 1.54 -31.03
N ASP A 356 18.57 2.58 -30.19
CA ASP A 356 19.50 3.71 -30.40
C ASP A 356 20.94 3.39 -29.96
N LEU A 357 21.09 2.65 -28.85
CA LEU A 357 22.40 2.40 -28.27
C LEU A 357 22.96 1.02 -28.61
N GLU A 358 22.14 -0.03 -28.53
CA GLU A 358 22.59 -1.39 -28.88
C GLU A 358 22.40 -1.76 -30.35
N ARG A 359 21.68 -0.94 -31.11
CA ARG A 359 21.56 -1.09 -32.56
C ARG A 359 20.80 -2.36 -33.00
N LEU A 360 19.85 -2.80 -32.19
CA LEU A 360 18.93 -3.86 -32.59
C LEU A 360 17.92 -3.28 -33.57
N ASP A 361 17.43 -4.10 -34.49
CA ASP A 361 16.31 -3.68 -35.33
C ASP A 361 15.06 -3.58 -34.45
N TRP A 362 14.15 -2.74 -34.88
CA TRP A 362 12.94 -2.44 -34.16
C TRP A 362 12.17 -3.69 -33.74
N ASP A 363 11.88 -4.57 -34.71
CA ASP A 363 11.05 -5.76 -34.44
C ASP A 363 11.65 -6.68 -33.37
N LYS A 364 12.95 -6.88 -33.40
CA LYS A 364 13.63 -7.67 -32.38
C LYS A 364 13.60 -7.01 -31.01
N ALA A 365 13.90 -5.71 -30.96
CA ALA A 365 13.81 -4.94 -29.72
C ALA A 365 12.42 -5.02 -29.13
N TRP A 366 11.39 -4.87 -29.95
CA TRP A 366 10.00 -4.95 -29.48
C TRP A 366 9.63 -6.33 -28.90
N GLU A 367 10.03 -7.40 -29.58
CA GLU A 367 9.85 -8.77 -29.05
C GLU A 367 10.47 -8.94 -27.67
N VAL A 368 11.71 -8.45 -27.50
CA VAL A 368 12.40 -8.53 -26.22
C VAL A 368 11.65 -7.71 -25.15
N THR A 369 11.23 -6.51 -25.51
CA THR A 369 10.53 -5.65 -24.57
C THR A 369 9.21 -6.26 -24.05
N VAL A 370 8.40 -6.76 -24.98
CA VAL A 370 7.11 -7.32 -24.64
C VAL A 370 7.29 -8.55 -23.74
N LYS A 371 8.25 -9.41 -24.07
CA LYS A 371 8.52 -10.60 -23.27
C LYS A 371 9.11 -10.32 -21.89
N THR A 372 9.72 -9.15 -21.73
CA THR A 372 10.31 -8.76 -20.47
C THR A 372 9.33 -8.07 -19.51
N CYS A 373 8.42 -7.25 -20.05
CA CYS A 373 7.58 -6.37 -19.25
C CYS A 373 6.21 -6.98 -18.97
N ALA A 374 5.72 -6.72 -17.76
CA ALA A 374 4.35 -7.07 -17.37
C ALA A 374 3.80 -5.92 -16.53
N TYR A 375 2.48 -5.71 -16.64
CA TYR A 375 1.79 -4.56 -16.08
C TYR A 375 0.67 -4.97 -15.13
N THR A 376 0.67 -4.38 -13.94
CA THR A 376 -0.39 -4.54 -12.97
C THR A 376 -1.17 -3.25 -12.88
N ASN A 377 -2.47 -3.34 -13.14
CA ASN A 377 -3.43 -2.25 -12.96
C ASN A 377 -4.05 -2.29 -11.57
N HIS A 378 -4.17 -1.12 -10.94
CA HIS A 378 -4.69 -1.04 -9.56
C HIS A 378 -5.92 -0.13 -9.39
N THR A 379 -6.53 0.34 -10.45
CA THR A 379 -7.66 1.24 -10.30
C THR A 379 -8.40 1.36 -11.61
N VAL A 380 -9.72 1.49 -11.52
CA VAL A 380 -10.54 1.89 -12.67
C VAL A 380 -11.09 3.29 -12.55
N LEU A 381 -10.80 4.04 -11.50
CA LEU A 381 -11.34 5.40 -11.40
C LEU A 381 -10.71 6.30 -12.47
N PRO A 382 -11.54 6.96 -13.31
CA PRO A 382 -10.99 7.74 -14.45
C PRO A 382 -10.02 8.85 -14.06
N GLU A 383 -10.24 9.47 -12.91
CA GLU A 383 -9.37 10.55 -12.43
C GLU A 383 -7.99 10.07 -11.91
N ALA A 384 -7.82 8.76 -11.74
CA ALA A 384 -6.56 8.17 -11.29
C ALA A 384 -5.65 7.73 -12.45
N LEU A 385 -6.19 7.64 -13.67
CA LEU A 385 -5.45 7.12 -14.80
C LEU A 385 -4.49 8.15 -15.36
N GLU A 386 -3.25 7.76 -15.62
CA GLU A 386 -2.25 8.70 -16.10
C GLU A 386 -2.41 8.96 -17.58
N ARG A 387 -2.65 10.22 -17.92
CA ARG A 387 -2.74 10.66 -19.29
C ARG A 387 -1.87 11.90 -19.40
N TRP A 388 -0.66 11.76 -19.91
CA TRP A 388 0.29 12.85 -19.92
C TRP A 388 0.11 13.73 -21.17
N PRO A 389 0.03 15.07 -20.99
CA PRO A 389 0.02 15.94 -22.16
C PRO A 389 1.23 15.76 -23.07
N VAL A 390 0.97 15.68 -24.37
CA VAL A 390 2.02 15.50 -25.36
C VAL A 390 3.09 16.60 -25.26
N HIS A 391 2.68 17.84 -25.00
CA HIS A 391 3.63 18.99 -24.96
C HIS A 391 4.67 18.83 -23.84
N LEU A 392 4.27 18.24 -22.72
CA LEU A 392 5.22 17.89 -21.65
C LEU A 392 6.26 16.88 -22.09
N LEU A 393 5.81 15.79 -22.70
CA LEU A 393 6.72 14.75 -23.20
C LEU A 393 7.60 15.27 -24.31
N GLU A 394 7.05 16.10 -25.16
CA GLU A 394 7.80 16.68 -26.26
C GLU A 394 9.01 17.49 -25.78
N THR A 395 8.82 18.27 -24.72
CA THR A 395 9.89 19.11 -24.15
C THR A 395 10.85 18.28 -23.30
N LEU A 396 10.32 17.43 -22.44
CA LEU A 396 11.17 16.72 -21.47
C LEU A 396 11.88 15.49 -22.06
N LEU A 397 11.18 14.75 -22.93
CA LEU A 397 11.62 13.43 -23.35
C LEU A 397 11.31 13.25 -24.83
N PRO A 398 11.93 14.10 -25.67
CA PRO A 398 11.57 14.15 -27.08
C PRO A 398 11.78 12.82 -27.83
N ARG A 399 12.83 12.06 -27.49
CA ARG A 399 13.06 10.76 -28.14
C ARG A 399 12.00 9.72 -27.73
N HIS A 400 11.59 9.74 -26.46
CA HIS A 400 10.57 8.85 -25.96
C HIS A 400 9.23 9.11 -26.65
N LEU A 401 8.90 10.37 -26.88
CA LEU A 401 7.67 10.69 -27.61
C LEU A 401 7.69 10.10 -29.02
N GLN A 402 8.82 10.22 -29.73
CA GLN A 402 8.95 9.63 -31.07
C GLN A 402 8.75 8.11 -31.02
N ILE A 403 9.34 7.46 -30.04
CA ILE A 403 9.20 6.01 -29.89
C ILE A 403 7.74 5.64 -29.60
N ILE A 404 7.07 6.43 -28.75
CA ILE A 404 5.66 6.19 -28.41
C ILE A 404 4.78 6.28 -29.66
N TYR A 405 5.04 7.28 -30.51
CA TYR A 405 4.27 7.43 -31.75
C TYR A 405 4.45 6.23 -32.68
N GLU A 406 5.68 5.72 -32.78
CA GLU A 406 5.98 4.56 -33.60
C GLU A 406 5.32 3.29 -33.05
N ILE A 407 5.35 3.12 -31.72
CA ILE A 407 4.64 2.01 -31.08
C ILE A 407 3.15 2.07 -31.46
N ASN A 408 2.57 3.26 -31.35
CA ASN A 408 1.17 3.49 -31.60
C ASN A 408 0.80 3.14 -33.04
N GLN A 409 1.58 3.61 -34.01
CA GLN A 409 1.30 3.35 -35.42
C GLN A 409 1.36 1.84 -35.73
N ARG A 410 2.38 1.16 -35.21
CA ARG A 410 2.50 -0.28 -35.40
C ARG A 410 1.38 -1.06 -34.71
N PHE A 411 1.01 -0.64 -33.51
CA PHE A 411 -0.07 -1.27 -32.77
C PHE A 411 -1.42 -1.12 -33.49
N LEU A 412 -1.72 0.10 -33.93
CA LEU A 412 -2.99 0.36 -34.64
C LEU A 412 -3.05 -0.33 -35.99
N ASN A 413 -1.91 -0.52 -36.67
CA ASN A 413 -1.87 -1.36 -37.87
C ASN A 413 -2.32 -2.79 -37.59
N ARG A 414 -1.94 -3.35 -36.46
CA ARG A 414 -2.44 -4.67 -36.03
C ARG A 414 -3.93 -4.68 -35.74
N VAL A 415 -4.43 -3.63 -35.07
CA VAL A 415 -5.86 -3.53 -34.76
C VAL A 415 -6.67 -3.49 -36.06
N ALA A 416 -6.21 -2.69 -37.01
CA ALA A 416 -6.89 -2.52 -38.27
C ALA A 416 -6.95 -3.79 -39.10
N ALA A 417 -5.91 -4.63 -39.00
CA ALA A 417 -5.90 -5.93 -39.68
C ALA A 417 -6.84 -6.93 -39.01
N ALA A 418 -7.00 -6.85 -37.70
CA ALA A 418 -7.87 -7.78 -36.97
C ALA A 418 -9.34 -7.38 -37.05
N PHE A 419 -9.63 -6.07 -37.10
CA PHE A 419 -11.01 -5.55 -37.11
C PHE A 419 -11.14 -4.55 -38.25
N PRO A 420 -11.08 -5.03 -39.49
CA PRO A 420 -11.08 -4.14 -40.64
C PRO A 420 -12.35 -3.27 -40.71
N GLY A 421 -12.15 -1.96 -40.93
CA GLY A 421 -13.24 -1.01 -41.05
C GLY A 421 -13.78 -0.48 -39.75
N ASP A 422 -13.28 -0.97 -38.62
CA ASP A 422 -13.81 -0.57 -37.32
C ASP A 422 -13.04 0.67 -36.86
N VAL A 423 -13.43 1.80 -37.44
CA VAL A 423 -12.70 3.06 -37.25
C VAL A 423 -12.84 3.59 -35.84
N ASP A 424 -14.01 3.41 -35.22
CA ASP A 424 -14.14 3.84 -33.86
C ASP A 424 -13.23 3.06 -32.89
N ARG A 425 -13.04 1.75 -33.13
CA ARG A 425 -12.08 0.96 -32.34
C ARG A 425 -10.67 1.54 -32.42
N LEU A 426 -10.24 1.97 -33.61
CA LEU A 426 -8.93 2.61 -33.78
C LEU A 426 -8.78 3.84 -32.90
N ARG A 427 -9.82 4.67 -32.85
CA ARG A 427 -9.84 5.84 -31.96
C ARG A 427 -9.77 5.42 -30.47
N ARG A 428 -10.58 4.46 -30.05
CA ARG A 428 -10.63 4.03 -28.65
C ARG A 428 -9.34 3.40 -28.17
N MET A 429 -8.65 2.69 -29.04
CA MET A 429 -7.47 1.93 -28.64
C MET A 429 -6.18 2.72 -28.76
N SER A 430 -6.22 3.87 -29.42
CA SER A 430 -4.99 4.64 -29.67
C SER A 430 -4.29 4.96 -28.37
N LEU A 431 -2.97 4.95 -28.39
CA LEU A 431 -2.18 5.44 -27.25
C LEU A 431 -2.29 6.97 -27.14
N VAL A 432 -2.58 7.63 -28.27
CA VAL A 432 -2.69 9.07 -28.34
C VAL A 432 -4.18 9.46 -28.28
N GLU A 433 -4.56 10.20 -27.26
CA GLU A 433 -5.91 10.74 -27.16
C GLU A 433 -6.03 12.13 -27.79
N GLU A 434 -7.01 12.30 -28.67
CA GLU A 434 -7.31 13.60 -29.27
C GLU A 434 -8.12 14.48 -28.31
N GLY A 435 -8.15 15.77 -28.62
CA GLY A 435 -8.82 16.75 -27.76
C GLY A 435 -8.18 18.12 -27.90
N ALA A 436 -8.61 19.04 -27.04
CA ALA A 436 -7.98 20.36 -26.93
C ALA A 436 -6.49 20.20 -26.66
N VAL A 437 -6.15 19.34 -25.69
CA VAL A 437 -4.78 18.93 -25.43
C VAL A 437 -4.64 17.44 -25.75
N LYS A 438 -3.78 17.10 -26.71
CA LYS A 438 -3.42 15.72 -26.97
C LYS A 438 -2.70 15.15 -25.73
N ARG A 439 -3.03 13.91 -25.37
CA ARG A 439 -2.44 13.22 -24.24
C ARG A 439 -2.05 11.80 -24.66
N ILE A 440 -1.06 11.24 -23.96
CA ILE A 440 -0.71 9.84 -24.09
C ILE A 440 -1.38 9.06 -22.98
N ASN A 441 -2.12 8.01 -23.34
CA ASN A 441 -2.74 7.16 -22.34
C ASN A 441 -1.72 6.08 -21.95
N MET A 442 -1.18 6.19 -20.74
CA MET A 442 -0.09 5.31 -20.36
C MET A 442 -0.54 3.87 -20.12
N ALA A 443 -1.80 3.66 -19.75
CA ALA A 443 -2.34 2.31 -19.56
C ALA A 443 -2.39 1.59 -20.90
N HIS A 444 -2.80 2.28 -21.95
CA HIS A 444 -2.75 1.71 -23.30
C HIS A 444 -1.34 1.37 -23.70
N LEU A 445 -0.38 2.26 -23.42
CA LEU A 445 1.02 1.93 -23.65
C LEU A 445 1.46 0.65 -22.94
N CYS A 446 1.09 0.52 -21.66
CA CYS A 446 1.49 -0.67 -20.89
C CYS A 446 0.91 -1.96 -21.44
N ILE A 447 -0.34 -1.91 -21.87
CA ILE A 447 -0.97 -3.12 -22.44
C ILE A 447 -0.27 -3.55 -23.72
N ALA A 448 -0.04 -2.59 -24.62
CA ALA A 448 0.64 -2.86 -25.89
C ALA A 448 2.04 -3.46 -25.71
N GLY A 449 2.77 -2.98 -24.70
CA GLY A 449 4.15 -3.35 -24.47
C GLY A 449 4.45 -4.42 -23.45
N SER A 450 3.42 -5.10 -22.97
CA SER A 450 3.54 -6.09 -21.90
C SER A 450 2.98 -7.43 -22.36
N HIS A 451 3.61 -8.53 -21.94
CA HIS A 451 3.09 -9.86 -22.26
C HIS A 451 1.99 -10.31 -21.30
N ALA A 452 1.82 -9.63 -20.18
CA ALA A 452 0.79 -9.98 -19.17
C ALA A 452 0.27 -8.70 -18.55
N VAL A 453 -1.04 -8.63 -18.37
CA VAL A 453 -1.73 -7.53 -17.74
C VAL A 453 -2.63 -8.18 -16.70
N ASN A 454 -2.51 -7.76 -15.45
CA ASN A 454 -3.34 -8.29 -14.40
C ASN A 454 -4.03 -7.22 -13.57
N GLY A 455 -5.23 -7.56 -13.10
CA GLY A 455 -5.88 -6.84 -12.01
C GLY A 455 -5.57 -7.55 -10.71
N VAL A 456 -6.14 -7.03 -9.62
CA VAL A 456 -5.65 -7.27 -8.26
C VAL A 456 -6.68 -7.95 -7.36
N ALA A 457 -7.82 -8.31 -7.96
CA ALA A 457 -8.84 -9.15 -7.34
C ALA A 457 -9.76 -9.63 -8.45
N ARG A 458 -10.44 -10.75 -8.22
CA ARG A 458 -11.22 -11.36 -9.29
C ARG A 458 -12.25 -10.42 -9.91
N ILE A 459 -13.01 -9.72 -9.09
CA ILE A 459 -14.03 -8.83 -9.61
C ILE A 459 -13.40 -7.70 -10.46
N HIS A 460 -12.26 -7.18 -10.00
CA HIS A 460 -11.55 -6.11 -10.67
C HIS A 460 -10.98 -6.56 -12.01
N SER A 461 -10.35 -7.72 -12.05
CA SER A 461 -9.85 -8.27 -13.30
C SER A 461 -10.98 -8.51 -14.30
N GLU A 462 -12.14 -8.96 -13.82
CA GLU A 462 -13.34 -9.09 -14.70
C GLU A 462 -13.83 -7.75 -15.23
N ILE A 463 -13.90 -6.74 -14.36
CA ILE A 463 -14.25 -5.39 -14.76
C ILE A 463 -13.29 -4.85 -15.85
N LEU A 464 -11.99 -5.12 -15.71
CA LEU A 464 -11.03 -4.69 -16.74
C LEU A 464 -11.36 -5.28 -18.12
N LYS A 465 -11.72 -6.56 -18.15
CA LYS A 465 -12.04 -7.25 -19.40
C LYS A 465 -13.40 -6.84 -20.02
N LYS A 466 -14.33 -6.42 -19.17
CA LYS A 466 -15.68 -6.08 -19.61
C LYS A 466 -15.88 -4.61 -19.93
N THR A 467 -15.07 -3.73 -19.34
CA THR A 467 -15.25 -2.27 -19.46
C THR A 467 -14.03 -1.56 -20.03
N ILE A 468 -13.11 -1.08 -19.20
CA ILE A 468 -12.14 -0.11 -19.71
C ILE A 468 -11.13 -0.71 -20.67
N PHE A 469 -10.81 -2.01 -20.53
CA PHE A 469 -9.88 -2.64 -21.48
C PHE A 469 -10.51 -3.71 -22.33
N LYS A 470 -11.83 -3.66 -22.48
CA LYS A 470 -12.54 -4.58 -23.32
C LYS A 470 -11.95 -4.76 -24.73
N ASP A 471 -11.65 -3.66 -25.41
CA ASP A 471 -11.09 -3.71 -26.77
C ASP A 471 -9.75 -4.45 -26.84
N PHE A 472 -8.93 -4.26 -25.83
CA PHE A 472 -7.60 -4.88 -25.75
C PHE A 472 -7.73 -6.35 -25.46
N TYR A 473 -8.68 -6.71 -24.59
CA TYR A 473 -8.96 -8.10 -24.29
C TYR A 473 -9.45 -8.85 -25.55
N GLU A 474 -10.26 -8.19 -26.37
CA GLU A 474 -10.73 -8.83 -27.62
C GLU A 474 -9.59 -9.06 -28.62
N LEU A 475 -8.62 -8.14 -28.64
CA LEU A 475 -7.46 -8.29 -29.52
C LEU A 475 -6.49 -9.37 -29.03
N GLU A 476 -6.23 -9.39 -27.73
CA GLU A 476 -5.17 -10.26 -27.15
C GLU A 476 -5.64 -10.86 -25.82
N PRO A 477 -6.61 -11.77 -25.87
CA PRO A 477 -7.22 -12.31 -24.65
C PRO A 477 -6.22 -12.99 -23.71
N HIS A 478 -5.23 -13.66 -24.30
CA HIS A 478 -4.15 -14.35 -23.59
C HIS A 478 -3.34 -13.47 -22.63
N LYS A 479 -3.30 -12.16 -22.85
CA LYS A 479 -2.56 -11.28 -21.95
C LYS A 479 -3.18 -11.07 -20.58
N PHE A 480 -4.50 -11.22 -20.49
CA PHE A 480 -5.24 -10.77 -19.32
C PHE A 480 -5.35 -11.83 -18.22
N GLN A 481 -4.91 -11.45 -17.02
CA GLN A 481 -4.87 -12.35 -15.88
C GLN A 481 -5.42 -11.67 -14.65
N ASN A 482 -5.65 -12.49 -13.63
CA ASN A 482 -5.94 -12.00 -12.28
C ASN A 482 -4.83 -12.49 -11.34
N LYS A 483 -4.47 -11.63 -10.40
CA LYS A 483 -3.61 -11.99 -9.26
C LYS A 483 -4.18 -11.30 -8.06
N THR A 484 -4.99 -12.01 -7.27
CA THR A 484 -5.61 -11.38 -6.13
C THR A 484 -4.52 -11.01 -5.11
N ASN A 485 -4.66 -9.81 -4.58
CA ASN A 485 -3.72 -9.26 -3.61
C ASN A 485 -3.62 -10.10 -2.33
N GLY A 486 -2.59 -9.83 -1.55
CA GLY A 486 -2.40 -10.43 -0.26
C GLY A 486 -1.58 -9.54 0.64
N ILE A 487 -1.38 -10.00 1.87
CA ILE A 487 -0.58 -9.29 2.90
C ILE A 487 0.41 -10.28 3.50
N THR A 488 1.53 -9.78 3.98
CA THR A 488 2.47 -10.69 4.61
C THR A 488 2.05 -11.04 6.05
N PRO A 489 1.98 -12.33 6.36
CA PRO A 489 1.62 -12.70 7.73
C PRO A 489 2.73 -12.52 8.74
N ARG A 490 3.96 -12.20 8.28
CA ARG A 490 5.00 -11.82 9.21
C ARG A 490 4.65 -10.50 9.89
N ARG A 491 4.65 -9.39 9.14
CA ARG A 491 4.25 -8.11 9.72
C ARG A 491 2.81 -8.14 10.30
N TRP A 492 1.87 -8.74 9.57
CA TRP A 492 0.47 -8.52 9.86
C TRP A 492 -0.16 -9.57 10.75
N LEU A 493 0.64 -10.50 11.27
CA LEU A 493 0.17 -11.37 12.37
C LEU A 493 1.23 -11.52 13.47
N VAL A 494 2.39 -12.08 13.10
CA VAL A 494 3.42 -12.40 14.08
C VAL A 494 3.96 -11.15 14.77
N LEU A 495 4.26 -10.14 13.97
CA LEU A 495 4.80 -8.91 14.51
C LEU A 495 3.76 -8.13 15.32
N CYS A 496 2.60 -7.87 14.76
CA CYS A 496 1.65 -6.97 15.39
C CYS A 496 0.75 -7.65 16.43
N ASN A 497 0.62 -8.98 16.36
CA ASN A 497 -0.31 -9.70 17.22
C ASN A 497 0.30 -10.99 17.72
N PRO A 498 1.39 -10.88 18.51
CA PRO A 498 2.08 -12.10 18.96
C PRO A 498 1.21 -13.01 19.83
N GLY A 499 0.31 -12.42 20.59
CA GLY A 499 -0.63 -13.18 21.42
C GLY A 499 -1.51 -14.13 20.61
N LEU A 500 -2.03 -13.66 19.48
CA LEU A 500 -2.82 -14.49 18.60
C LEU A 500 -1.93 -15.52 17.90
N ALA A 501 -0.78 -15.09 17.41
CA ALA A 501 0.15 -16.04 16.76
C ALA A 501 0.50 -17.20 17.66
N GLU A 502 0.69 -16.91 18.96
CA GLU A 502 1.11 -17.90 19.92
C GLU A 502 0.02 -18.93 20.21
N ILE A 503 -1.20 -18.46 20.44
CA ILE A 503 -2.29 -19.41 20.74
C ILE A 503 -2.61 -20.28 19.52
N ILE A 504 -2.40 -19.76 18.31
CA ILE A 504 -2.53 -20.59 17.12
C ILE A 504 -1.42 -21.64 17.09
N ALA A 505 -0.19 -21.20 17.32
CA ALA A 505 0.96 -22.11 17.31
C ALA A 505 0.85 -23.22 18.35
N GLU A 506 0.27 -22.92 19.50
CA GLU A 506 0.08 -23.94 20.55
C GLU A 506 -0.72 -25.14 20.02
N ARG A 507 -1.66 -24.90 19.11
CA ARG A 507 -2.51 -25.94 18.52
C ARG A 507 -1.91 -26.60 17.29
N ILE A 508 -1.43 -25.81 16.34
CA ILE A 508 -1.05 -26.33 15.03
C ILE A 508 0.42 -26.18 14.65
N GLY A 509 1.26 -25.71 15.57
CA GLY A 509 2.66 -25.50 15.30
C GLY A 509 2.92 -24.18 14.58
N GLU A 510 4.16 -24.03 14.15
CA GLU A 510 4.67 -22.78 13.58
C GLU A 510 4.74 -22.72 12.07
N GLU A 511 4.53 -23.84 11.38
CA GLU A 511 4.66 -23.88 9.93
C GLU A 511 3.73 -22.93 9.19
N TYR A 512 2.60 -22.58 9.80
CA TYR A 512 1.62 -21.69 9.16
C TYR A 512 2.15 -20.29 8.81
N ILE A 513 3.18 -19.83 9.52
CA ILE A 513 3.73 -18.49 9.32
C ILE A 513 4.28 -18.33 7.89
N SER A 514 4.75 -19.42 7.29
CA SER A 514 5.18 -19.40 5.88
C SER A 514 4.32 -20.29 4.98
N ASP A 515 3.17 -20.74 5.49
CA ASP A 515 2.24 -21.53 4.71
C ASP A 515 0.86 -21.31 5.34
N LEU A 516 0.30 -20.14 5.05
CA LEU A 516 -0.87 -19.64 5.79
C LEU A 516 -2.13 -20.46 5.59
N ASP A 517 -2.18 -21.26 4.53
CA ASP A 517 -3.28 -22.22 4.32
C ASP A 517 -3.44 -23.20 5.45
N GLN A 518 -2.39 -23.41 6.24
CA GLN A 518 -2.50 -24.28 7.43
C GLN A 518 -3.47 -23.77 8.49
N LEU A 519 -3.82 -22.49 8.46
CA LEU A 519 -4.86 -21.97 9.35
C LEU A 519 -6.21 -22.66 9.22
N ARG A 520 -6.51 -23.29 8.08
CA ARG A 520 -7.71 -24.15 7.94
C ARG A 520 -7.84 -25.21 9.03
N LYS A 521 -6.71 -25.71 9.54
CA LYS A 521 -6.74 -26.65 10.67
C LYS A 521 -7.49 -26.13 11.89
N LEU A 522 -7.58 -24.80 12.03
CA LEU A 522 -8.33 -24.20 13.12
C LEU A 522 -9.84 -24.41 13.09
N LEU A 523 -10.40 -24.79 11.94
CA LEU A 523 -11.84 -25.13 11.89
C LEU A 523 -12.19 -26.31 12.79
N SER A 524 -11.23 -27.19 13.07
CA SER A 524 -11.47 -28.28 13.99
C SER A 524 -11.47 -27.81 15.48
N TYR A 525 -11.20 -26.52 15.73
CA TYR A 525 -11.22 -25.90 17.07
C TYR A 525 -12.30 -24.83 17.29
N VAL A 526 -13.29 -24.83 16.39
CA VAL A 526 -14.44 -23.93 16.49
C VAL A 526 -15.43 -24.25 17.65
N ASP A 527 -15.48 -25.50 18.11
CA ASP A 527 -16.31 -25.87 19.27
C ASP A 527 -15.47 -26.16 20.53
N ASP A 528 -14.20 -25.78 20.49
CA ASP A 528 -13.29 -26.10 21.59
C ASP A 528 -13.39 -24.94 22.58
N GLU A 529 -13.90 -25.23 23.77
CA GLU A 529 -14.16 -24.17 24.77
C GLU A 529 -12.90 -23.40 25.16
N ALA A 530 -11.77 -24.10 25.28
CA ALA A 530 -10.49 -23.47 25.65
C ALA A 530 -10.00 -22.54 24.56
N PHE A 531 -10.10 -22.97 23.29
CA PHE A 531 -9.69 -22.14 22.16
C PHE A 531 -10.57 -20.91 22.01
N ILE A 532 -11.89 -21.09 22.11
CA ILE A 532 -12.85 -19.95 22.13
C ILE A 532 -12.43 -18.92 23.21
N ARG A 533 -12.18 -19.41 24.41
CA ARG A 533 -11.75 -18.53 25.51
C ARG A 533 -10.46 -17.77 25.17
N ASP A 534 -9.47 -18.47 24.64
CA ASP A 534 -8.15 -17.88 24.37
C ASP A 534 -8.23 -16.83 23.26
N VAL A 535 -9.00 -17.10 22.21
CA VAL A 535 -9.18 -16.14 21.13
C VAL A 535 -9.82 -14.84 21.67
N ALA A 536 -10.85 -14.98 22.49
CA ALA A 536 -11.53 -13.82 23.06
C ALA A 536 -10.63 -13.09 24.05
N LYS A 537 -9.81 -13.82 24.79
CA LYS A 537 -8.86 -13.22 25.74
C LYS A 537 -7.80 -12.37 25.05
N VAL A 538 -7.23 -12.89 23.96
CA VAL A 538 -6.25 -12.14 23.18
C VAL A 538 -6.83 -10.84 22.63
N LYS A 539 -8.05 -10.90 22.07
CA LYS A 539 -8.71 -9.70 21.61
C LYS A 539 -8.90 -8.67 22.74
N GLN A 540 -9.35 -9.15 23.89
CA GLN A 540 -9.55 -8.28 25.05
C GLN A 540 -8.25 -7.60 25.49
N GLU A 541 -7.16 -8.36 25.55
CA GLU A 541 -5.83 -7.79 25.87
C GLU A 541 -5.39 -6.71 24.88
N ASN A 542 -5.60 -7.00 23.59
CA ASN A 542 -5.25 -6.04 22.55
C ASN A 542 -6.07 -4.77 22.66
N LYS A 543 -7.35 -4.89 23.03
CA LYS A 543 -8.22 -3.73 23.21
C LYS A 543 -7.78 -2.90 24.41
N LEU A 544 -7.46 -3.57 25.53
CA LEU A 544 -6.93 -2.88 26.73
C LEU A 544 -5.65 -2.12 26.43
N LYS A 545 -4.71 -2.77 25.75
CA LYS A 545 -3.43 -2.17 25.36
C LYS A 545 -3.65 -0.94 24.44
N PHE A 546 -4.57 -1.05 23.48
CA PHE A 546 -4.85 0.10 22.61
C PHE A 546 -5.57 1.23 23.34
N ALA A 547 -6.50 0.90 24.24
CA ALA A 547 -7.23 1.88 25.05
C ALA A 547 -6.29 2.72 25.94
N ALA A 548 -5.21 2.08 26.41
CA ALA A 548 -4.18 2.75 27.23
C ALA A 548 -3.25 3.58 26.36
N TYR A 549 -2.93 3.08 25.16
CA TYR A 549 -2.13 3.85 24.19
C TYR A 549 -2.83 5.18 23.90
N LEU A 550 -4.15 5.12 23.71
CA LEU A 550 -4.93 6.32 23.43
C LEU A 550 -4.88 7.33 24.57
N GLU A 551 -5.08 6.88 25.81
CA GLU A 551 -4.95 7.76 27.00
C GLU A 551 -3.57 8.41 27.14
N ARG A 552 -2.50 7.63 26.95
CA ARG A 552 -1.13 8.15 27.11
C ARG A 552 -0.76 9.20 26.04
N GLU A 553 -0.81 8.82 24.77
CA GLU A 553 -0.39 9.69 23.67
C GLU A 553 -1.40 10.77 23.27
N TYR A 554 -2.70 10.55 23.52
CA TYR A 554 -3.74 11.50 23.07
C TYR A 554 -4.86 11.83 24.08
N LYS A 555 -4.61 11.62 25.38
CA LYS A 555 -5.48 12.11 26.47
C LYS A 555 -7.01 11.86 26.30
N VAL A 556 -7.40 10.67 25.85
CA VAL A 556 -8.84 10.34 25.61
C VAL A 556 -9.29 9.03 26.28
N HIS A 557 -10.48 9.06 26.90
CA HIS A 557 -11.02 7.95 27.72
C HIS A 557 -12.04 7.08 26.96
N ILE A 558 -11.64 5.86 26.57
CA ILE A 558 -12.56 4.91 25.89
C ILE A 558 -12.87 3.67 26.74
N ASN A 559 -14.11 3.19 26.60
CA ASN A 559 -14.59 1.98 27.26
C ASN A 559 -14.11 0.73 26.50
N PRO A 560 -13.18 -0.05 27.07
CA PRO A 560 -12.67 -1.22 26.35
C PRO A 560 -13.62 -2.44 26.31
N ASN A 561 -14.78 -2.37 26.98
CA ASN A 561 -15.87 -3.35 26.82
C ASN A 561 -16.78 -3.08 25.64
N SER A 562 -16.64 -1.91 25.02
CA SER A 562 -17.47 -1.54 23.86
C SER A 562 -16.98 -2.25 22.61
N LEU A 563 -17.85 -2.34 21.61
CA LEU A 563 -17.50 -2.91 20.33
C LEU A 563 -16.58 -1.88 19.61
N PHE A 564 -15.41 -2.30 19.16
CA PHE A 564 -14.47 -1.40 18.48
C PHE A 564 -14.73 -1.47 16.99
N ASP A 565 -15.33 -0.42 16.46
CA ASP A 565 -15.85 -0.33 15.09
C ASP A 565 -14.86 0.57 14.36
N VAL A 566 -14.10 0.02 13.43
CA VAL A 566 -12.92 0.69 12.90
C VAL A 566 -12.96 0.83 11.41
N GLN A 567 -12.73 2.07 10.93
CA GLN A 567 -12.56 2.32 9.51
C GLN A 567 -11.28 3.15 9.34
N VAL A 568 -10.21 2.49 8.94
CA VAL A 568 -8.91 3.14 8.72
C VAL A 568 -8.42 2.86 7.30
N LYS A 569 -8.11 3.94 6.59
CA LYS A 569 -7.75 3.92 5.17
C LYS A 569 -7.72 5.38 4.75
N ARG A 570 -7.18 5.65 3.58
CA ARG A 570 -7.15 7.02 3.09
C ARG A 570 -8.56 7.59 2.94
N ILE A 571 -8.70 8.89 3.21
CA ILE A 571 -9.98 9.57 3.06
C ILE A 571 -10.26 9.79 1.56
N HIS A 572 -11.36 9.23 1.07
CA HIS A 572 -11.75 9.38 -0.32
C HIS A 572 -13.27 9.23 -0.43
N GLU A 573 -13.89 9.98 -1.32
CA GLU A 573 -15.32 9.81 -1.54
C GLU A 573 -15.69 8.35 -1.86
N TYR A 574 -14.89 7.63 -2.65
CA TYR A 574 -15.28 6.27 -3.04
C TYR A 574 -15.25 5.27 -1.88
N LYS A 575 -14.44 5.54 -0.85
CA LYS A 575 -14.35 4.66 0.31
C LYS A 575 -15.50 4.85 1.32
N ARG A 576 -16.21 5.96 1.18
CA ARG A 576 -17.50 6.20 1.84
C ARG A 576 -17.42 6.27 3.37
N GLN A 577 -16.37 6.95 3.89
CA GLN A 577 -16.40 7.38 5.28
C GLN A 577 -17.70 8.14 5.59
N LEU A 578 -18.24 8.86 4.61
CA LEU A 578 -19.53 9.54 4.78
C LEU A 578 -20.70 8.62 5.11
N LEU A 579 -20.72 7.43 4.52
CA LEU A 579 -21.76 6.46 4.85
C LEU A 579 -21.64 6.04 6.33
N ASN A 580 -20.41 5.82 6.78
CA ASN A 580 -20.15 5.51 8.21
C ASN A 580 -20.66 6.67 9.09
N CYS A 581 -20.36 7.91 8.70
CA CYS A 581 -20.84 9.08 9.44
C CYS A 581 -22.36 9.10 9.57
N LEU A 582 -23.05 8.77 8.48
CA LEU A 582 -24.50 8.75 8.51
C LEU A 582 -25.02 7.70 9.52
N HIS A 583 -24.35 6.54 9.59
CA HIS A 583 -24.72 5.52 10.59
C HIS A 583 -24.48 6.02 12.02
N VAL A 584 -23.33 6.66 12.25
CA VAL A 584 -23.01 7.17 13.58
C VAL A 584 -24.08 8.16 14.06
N ILE A 585 -24.45 9.09 13.19
CA ILE A 585 -25.50 10.06 13.54
C ILE A 585 -26.86 9.38 13.78
N THR A 586 -27.18 8.36 13.00
CA THR A 586 -28.39 7.55 13.18
C THR A 586 -28.44 6.94 14.61
N LEU A 587 -27.35 6.32 15.05
CA LEU A 587 -27.25 5.74 16.38
C LEU A 587 -27.42 6.81 17.45
N TYR A 588 -26.74 7.95 17.28
CA TYR A 588 -26.89 9.09 18.17
C TYR A 588 -28.35 9.56 18.30
N ASN A 589 -29.01 9.77 17.16
CA ASN A 589 -30.42 10.19 17.14
C ASN A 589 -31.38 9.17 17.76
N ARG A 590 -31.10 7.89 17.55
CA ARG A 590 -31.88 6.81 18.18
C ARG A 590 -31.73 6.80 19.71
N ILE A 591 -30.51 6.99 20.19
CA ILE A 591 -30.28 7.10 21.64
C ILE A 591 -31.04 8.31 22.22
N LYS A 592 -30.89 9.47 21.60
CA LYS A 592 -31.58 10.67 22.06
C LYS A 592 -33.11 10.55 22.05
N LYS A 593 -33.65 9.79 21.11
CA LYS A 593 -35.10 9.55 21.03
C LYS A 593 -35.58 8.61 22.15
N GLU A 594 -34.80 7.57 22.48
CA GLU A 594 -35.14 6.61 23.55
C GLU A 594 -33.92 6.37 24.45
N PRO A 595 -33.64 7.34 25.34
CA PRO A 595 -32.36 7.28 26.06
C PRO A 595 -32.23 6.11 27.04
N ASN A 596 -33.35 5.59 27.52
CA ASN A 596 -33.32 4.57 28.57
C ASN A 596 -33.40 3.14 28.04
N LYS A 597 -33.31 2.97 26.72
CA LYS A 597 -33.26 1.65 26.10
C LYS A 597 -31.80 1.18 25.99
N PHE A 598 -31.56 -0.11 26.23
CA PHE A 598 -30.23 -0.68 26.05
C PHE A 598 -29.82 -0.65 24.58
N VAL A 599 -28.57 -0.29 24.33
CA VAL A 599 -27.92 -0.43 23.02
C VAL A 599 -26.52 -0.95 23.30
N VAL A 600 -26.02 -1.79 22.39
CA VAL A 600 -24.67 -2.31 22.49
C VAL A 600 -23.70 -1.12 22.38
N PRO A 601 -22.86 -0.92 23.41
CA PRO A 601 -21.90 0.18 23.35
C PRO A 601 -20.89 0.03 22.22
N ARG A 602 -20.56 1.15 21.55
CA ARG A 602 -19.56 1.18 20.48
C ARG A 602 -18.56 2.28 20.70
N THR A 603 -17.34 2.01 20.25
CA THR A 603 -16.35 3.06 20.02
C THR A 603 -16.09 3.04 18.54
N VAL A 604 -16.45 4.13 17.86
CA VAL A 604 -16.34 4.24 16.42
C VAL A 604 -15.07 5.03 16.18
N MET A 605 -14.11 4.38 15.56
CA MET A 605 -12.82 4.97 15.25
C MET A 605 -12.67 5.07 13.73
N ILE A 606 -12.38 6.28 13.26
CA ILE A 606 -12.14 6.51 11.87
C ILE A 606 -10.80 7.23 11.78
N GLY A 607 -9.96 6.80 10.86
CA GLY A 607 -8.69 7.50 10.64
C GLY A 607 -8.23 7.37 9.21
N GLY A 608 -7.40 8.32 8.81
CA GLY A 608 -6.80 8.32 7.51
C GLY A 608 -6.42 9.71 7.08
N LYS A 609 -5.49 9.79 6.14
CA LYS A 609 -5.05 11.08 5.59
C LYS A 609 -5.82 11.46 4.35
N ALA A 610 -6.05 12.76 4.22
CA ALA A 610 -6.61 13.34 3.02
C ALA A 610 -5.47 13.95 2.20
N ALA A 611 -5.53 13.80 0.89
CA ALA A 611 -4.56 14.47 0.01
C ALA A 611 -4.69 15.99 0.23
N PRO A 612 -3.56 16.71 0.34
CA PRO A 612 -3.63 18.14 0.68
C PRO A 612 -4.52 18.98 -0.19
N GLY A 613 -4.64 18.67 -1.48
CA GLY A 613 -5.48 19.48 -2.35
C GLY A 613 -6.92 19.02 -2.54
N TYR A 614 -7.35 18.03 -1.76
CA TYR A 614 -8.63 17.36 -1.99
C TYR A 614 -9.61 17.91 -0.97
N HIS A 615 -10.32 18.95 -1.40
CA HIS A 615 -11.18 19.74 -0.52
C HIS A 615 -12.25 18.90 0.18
N MET A 616 -12.98 18.10 -0.58
CA MET A 616 -14.06 17.28 -0.01
C MET A 616 -13.54 16.32 1.07
N ALA A 617 -12.37 15.72 0.83
CA ALA A 617 -11.75 14.83 1.82
C ALA A 617 -11.39 15.57 3.12
N LYS A 618 -10.92 16.80 2.98
CA LYS A 618 -10.65 17.61 4.16
C LYS A 618 -11.94 17.97 4.90
N MET A 619 -13.03 18.20 4.16
CA MET A 619 -14.32 18.51 4.77
C MET A 619 -14.89 17.31 5.54
N ILE A 620 -14.66 16.11 5.02
CA ILE A 620 -15.07 14.86 5.68
C ILE A 620 -14.36 14.66 7.03
N ILE A 621 -13.06 14.93 7.08
CA ILE A 621 -12.33 14.89 8.34
C ILE A 621 -12.97 15.85 9.35
N LYS A 622 -13.21 17.09 8.92
CA LYS A 622 -13.85 18.06 9.80
C LYS A 622 -15.24 17.60 10.28
N LEU A 623 -16.03 16.99 9.39
CA LEU A 623 -17.33 16.44 9.79
C LEU A 623 -17.17 15.36 10.87
N ILE A 624 -16.21 14.47 10.71
CA ILE A 624 -16.01 13.39 11.69
C ILE A 624 -15.66 13.95 13.07
N THR A 625 -14.76 14.93 13.11
CA THR A 625 -14.40 15.51 14.40
C THR A 625 -15.57 16.31 14.99
N ALA A 626 -16.36 16.97 14.14
CA ALA A 626 -17.52 17.74 14.63
C ALA A 626 -18.63 16.84 15.21
N ILE A 627 -18.80 15.66 14.62
CA ILE A 627 -19.73 14.66 15.17
C ILE A 627 -19.24 14.22 16.55
N GLY A 628 -17.95 13.91 16.64
CA GLY A 628 -17.29 13.61 17.92
C GLY A 628 -17.48 14.67 19.00
N ASP A 629 -17.27 15.93 18.63
CA ASP A 629 -17.49 17.06 19.54
C ASP A 629 -18.89 17.07 20.16
N VAL A 630 -19.91 16.71 19.39
CA VAL A 630 -21.28 16.63 19.90
C VAL A 630 -21.51 15.33 20.67
N VAL A 631 -21.20 14.21 20.05
CA VAL A 631 -21.54 12.89 20.62
C VAL A 631 -20.80 12.63 21.94
N ASN A 632 -19.51 12.93 21.96
CA ASN A 632 -18.65 12.56 23.07
C ASN A 632 -18.92 13.39 24.32
N HIS A 633 -19.63 14.51 24.19
CA HIS A 633 -19.89 15.39 25.34
C HIS A 633 -21.36 15.46 25.76
N ASP A 634 -22.20 14.63 25.14
CA ASP A 634 -23.62 14.57 25.48
C ASP A 634 -23.78 13.62 26.68
N PRO A 635 -24.20 14.17 27.83
CA PRO A 635 -24.26 13.32 29.03
C PRO A 635 -25.33 12.21 28.96
N VAL A 636 -26.34 12.34 28.11
CA VAL A 636 -27.35 11.30 27.95
C VAL A 636 -26.79 10.05 27.24
N VAL A 637 -25.81 10.26 26.35
CA VAL A 637 -25.17 9.18 25.63
C VAL A 637 -24.31 8.33 26.55
N GLY A 638 -23.53 9.01 27.40
CA GLY A 638 -22.69 8.34 28.39
C GLY A 638 -21.53 7.67 27.69
N ASP A 639 -21.18 6.47 28.14
CA ASP A 639 -20.16 5.67 27.44
C ASP A 639 -20.77 4.68 26.43
N ARG A 640 -22.00 4.92 25.99
CA ARG A 640 -22.64 4.03 25.01
C ARG A 640 -22.18 4.28 23.57
N LEU A 641 -21.67 5.47 23.28
CA LEU A 641 -21.22 5.81 21.93
C LEU A 641 -20.11 6.83 22.04
N ARG A 642 -18.98 6.53 21.43
CA ARG A 642 -17.85 7.46 21.35
C ARG A 642 -17.37 7.46 19.90
N VAL A 643 -16.98 8.63 19.40
CA VAL A 643 -16.49 8.78 18.02
C VAL A 643 -15.11 9.42 18.08
N ILE A 644 -14.11 8.70 17.60
CA ILE A 644 -12.71 9.11 17.73
C ILE A 644 -12.12 9.20 16.33
N PHE A 645 -11.46 10.32 16.03
CA PHE A 645 -10.68 10.42 14.82
C PHE A 645 -9.23 10.06 15.17
N LEU A 646 -8.71 9.01 14.55
CA LEU A 646 -7.35 8.53 14.82
C LEU A 646 -6.38 9.32 13.96
N GLU A 647 -5.56 10.12 14.59
CA GLU A 647 -4.68 11.04 13.93
C GLU A 647 -3.46 10.31 13.38
N ASN A 648 -3.00 10.78 12.22
CA ASN A 648 -1.76 10.31 11.61
C ASN A 648 -1.70 8.80 11.34
N TYR A 649 -2.77 8.29 10.74
CA TYR A 649 -2.81 6.88 10.35
C TYR A 649 -1.68 6.56 9.37
N ARG A 650 -0.95 5.52 9.71
CA ARG A 650 0.27 5.11 9.03
C ARG A 650 0.53 3.66 9.40
N VAL A 651 1.58 3.07 8.86
CA VAL A 651 1.82 1.61 9.05
C VAL A 651 1.98 1.27 10.55
N SER A 652 2.77 2.05 11.30
CA SER A 652 2.97 1.76 12.71
C SER A 652 1.66 1.88 13.53
N LEU A 653 0.77 2.80 13.17
CA LEU A 653 -0.55 2.87 13.82
C LEU A 653 -1.46 1.70 13.43
N ALA A 654 -1.38 1.26 12.18
CA ALA A 654 -2.12 0.07 11.73
C ALA A 654 -1.75 -1.16 12.57
N GLU A 655 -0.47 -1.32 12.87
CA GLU A 655 0.00 -2.44 13.67
C GLU A 655 -0.59 -2.45 15.07
N LYS A 656 -0.98 -1.29 15.58
CA LYS A 656 -1.60 -1.17 16.91
C LYS A 656 -3.12 -1.33 16.88
N VAL A 657 -3.77 -0.64 15.96
CA VAL A 657 -5.25 -0.62 15.96
C VAL A 657 -5.89 -1.87 15.36
N ILE A 658 -5.28 -2.45 14.33
CA ILE A 658 -5.90 -3.62 13.67
C ILE A 658 -6.07 -4.83 14.64
N PRO A 659 -5.05 -5.20 15.42
CA PRO A 659 -5.25 -6.26 16.42
C PRO A 659 -6.34 -5.97 17.44
N ALA A 660 -6.66 -4.71 17.67
CA ALA A 660 -7.66 -4.31 18.65
C ALA A 660 -9.10 -4.23 18.13
N ALA A 661 -9.30 -4.35 16.82
CA ALA A 661 -10.62 -4.10 16.22
C ALA A 661 -11.57 -5.29 16.36
N ASP A 662 -12.85 -4.99 16.55
CA ASP A 662 -13.90 -6.00 16.49
C ASP A 662 -14.59 -6.03 15.15
N LEU A 663 -14.83 -4.84 14.58
CA LEU A 663 -15.55 -4.72 13.32
C LEU A 663 -14.73 -3.91 12.33
N SER A 664 -14.55 -4.47 11.14
CA SER A 664 -13.81 -3.89 10.04
C SER A 664 -14.78 -3.31 9.02
N GLU A 665 -14.65 -2.03 8.73
CA GLU A 665 -15.57 -1.32 7.82
C GLU A 665 -14.92 -1.26 6.45
N GLN A 666 -15.54 -1.97 5.49
CA GLN A 666 -15.02 -2.08 4.13
C GLN A 666 -16.16 -1.81 3.16
N ILE A 667 -16.49 -0.53 3.02
CA ILE A 667 -17.83 -0.12 2.57
C ILE A 667 -17.82 0.78 1.32
N SER A 668 -16.82 0.58 0.47
CA SER A 668 -16.74 1.22 -0.82
C SER A 668 -17.92 0.86 -1.72
N THR A 669 -18.31 1.78 -2.58
CA THR A 669 -19.33 1.50 -3.58
C THR A 669 -18.85 0.36 -4.49
N ALA A 670 -19.71 -0.62 -4.70
CA ALA A 670 -19.36 -1.77 -5.53
C ALA A 670 -18.76 -1.30 -6.87
N GLY A 671 -17.61 -1.85 -7.22
CA GLY A 671 -16.92 -1.52 -8.47
C GLY A 671 -15.79 -0.49 -8.36
N THR A 672 -15.52 0.01 -7.15
CA THR A 672 -14.56 1.11 -6.99
C THR A 672 -13.26 0.74 -6.30
N GLU A 673 -13.30 -0.15 -5.29
CA GLU A 673 -12.08 -0.55 -4.58
C GLU A 673 -11.49 -1.73 -5.35
N ALA A 674 -10.38 -1.53 -6.07
CA ALA A 674 -9.87 -2.59 -6.94
C ALA A 674 -9.69 -3.90 -6.18
N SER A 675 -9.11 -3.82 -4.98
CA SER A 675 -8.97 -4.97 -4.11
C SER A 675 -9.24 -4.60 -2.68
N GLY A 676 -8.46 -3.64 -2.15
CA GLY A 676 -8.33 -3.48 -0.72
C GLY A 676 -7.31 -4.47 -0.17
N THR A 677 -6.57 -4.05 0.83
CA THR A 677 -5.70 -4.92 1.60
C THR A 677 -5.87 -4.75 3.12
N GLY A 678 -6.29 -3.58 3.58
CA GLY A 678 -6.73 -3.42 4.95
C GLY A 678 -7.72 -4.50 5.37
N ASN A 679 -8.69 -4.75 4.49
CA ASN A 679 -9.68 -5.80 4.70
C ASN A 679 -9.05 -7.12 5.17
N MET A 680 -8.00 -7.52 4.47
CA MET A 680 -7.30 -8.78 4.77
C MET A 680 -6.58 -8.75 6.12
N LYS A 681 -6.00 -7.60 6.46
CA LYS A 681 -5.30 -7.43 7.74
C LYS A 681 -6.26 -7.61 8.89
N PHE A 682 -7.47 -7.06 8.77
CA PHE A 682 -8.48 -7.22 9.82
C PHE A 682 -8.97 -8.66 9.97
N MET A 683 -9.17 -9.33 8.84
CA MET A 683 -9.60 -10.72 8.84
C MET A 683 -8.63 -11.65 9.58
N LEU A 684 -7.36 -11.46 9.31
CA LEU A 684 -6.30 -12.24 9.94
C LEU A 684 -6.18 -12.03 11.47
N ASN A 685 -6.64 -10.88 11.95
CA ASN A 685 -6.45 -10.43 13.31
C ASN A 685 -7.70 -10.50 14.18
N GLY A 686 -8.75 -11.14 13.68
CA GLY A 686 -9.88 -11.50 14.54
C GLY A 686 -10.98 -10.44 14.63
N ALA A 687 -11.12 -9.64 13.57
CA ALA A 687 -12.29 -8.77 13.42
C ALA A 687 -13.25 -9.40 12.42
N LEU A 688 -14.55 -9.16 12.62
CA LEU A 688 -15.54 -9.46 11.59
C LEU A 688 -15.66 -8.26 10.65
N THR A 689 -16.13 -8.52 9.44
CA THR A 689 -16.16 -7.52 8.41
C THR A 689 -17.60 -7.16 8.05
N ILE A 690 -17.87 -5.86 8.01
CA ILE A 690 -19.08 -5.34 7.39
C ILE A 690 -18.66 -4.70 6.09
N GLY A 691 -19.24 -5.17 4.99
CA GLY A 691 -18.75 -4.73 3.70
C GLY A 691 -19.67 -4.98 2.54
N THR A 692 -19.41 -4.23 1.48
CA THR A 692 -20.02 -4.42 0.20
C THR A 692 -19.29 -5.51 -0.58
N MET A 693 -19.93 -6.00 -1.62
CA MET A 693 -19.33 -6.99 -2.51
C MET A 693 -18.43 -6.26 -3.53
N ASP A 694 -17.28 -5.80 -3.04
CA ASP A 694 -16.35 -5.01 -3.80
C ASP A 694 -14.95 -5.54 -3.60
N GLY A 695 -14.14 -5.46 -4.65
CA GLY A 695 -12.74 -5.89 -4.56
C GLY A 695 -12.56 -7.28 -3.98
N ALA A 696 -11.59 -7.43 -3.09
CA ALA A 696 -11.30 -8.72 -2.50
C ALA A 696 -12.31 -9.13 -1.44
N ASN A 697 -13.19 -8.21 -0.99
CA ASN A 697 -14.26 -8.60 -0.05
C ASN A 697 -15.06 -9.80 -0.59
N VAL A 698 -15.29 -9.81 -1.90
CA VAL A 698 -16.00 -10.91 -2.58
C VAL A 698 -15.36 -12.28 -2.32
N GLU A 699 -14.04 -12.31 -2.49
CA GLU A 699 -13.25 -13.52 -2.27
C GLU A 699 -13.12 -13.86 -0.80
N MET A 700 -13.06 -12.85 0.07
CA MET A 700 -13.03 -13.12 1.51
C MET A 700 -14.33 -13.82 1.97
N ALA A 701 -15.47 -13.29 1.54
CA ALA A 701 -16.77 -13.88 1.85
C ALA A 701 -16.90 -15.29 1.29
N GLU A 702 -16.35 -15.52 0.10
CA GLU A 702 -16.36 -16.84 -0.52
C GLU A 702 -15.53 -17.85 0.30
N GLU A 703 -14.37 -17.42 0.78
CA GLU A 703 -13.51 -18.28 1.58
C GLU A 703 -14.14 -18.56 2.94
N ALA A 704 -14.68 -17.55 3.62
CA ALA A 704 -15.22 -17.74 4.98
C ALA A 704 -16.63 -18.35 4.99
N GLY A 705 -17.38 -18.14 3.90
CA GLY A 705 -18.80 -18.39 3.84
C GLY A 705 -19.53 -17.09 4.07
N GLU A 706 -20.55 -16.84 3.25
CA GLU A 706 -21.34 -15.61 3.34
C GLU A 706 -22.05 -15.45 4.68
N GLU A 707 -22.41 -16.57 5.30
CA GLU A 707 -23.01 -16.58 6.63
C GLU A 707 -22.06 -16.06 7.75
N ASN A 708 -20.75 -15.96 7.47
CA ASN A 708 -19.76 -15.52 8.44
C ASN A 708 -19.21 -14.13 8.11
N PHE A 709 -19.94 -13.42 7.26
CA PHE A 709 -19.57 -12.09 6.78
C PHE A 709 -20.84 -11.23 6.82
N PHE A 710 -20.70 -9.95 7.13
CA PHE A 710 -21.83 -9.03 7.14
C PHE A 710 -21.87 -8.28 5.82
N ILE A 711 -22.52 -8.87 4.83
CA ILE A 711 -22.58 -8.34 3.48
C ILE A 711 -23.82 -7.48 3.37
N PHE A 712 -23.68 -6.31 2.76
CA PHE A 712 -24.83 -5.49 2.45
C PHE A 712 -24.63 -4.70 1.15
N GLY A 713 -25.73 -4.16 0.67
CA GLY A 713 -25.69 -3.11 -0.34
C GLY A 713 -25.72 -3.58 -1.77
N MET A 714 -25.68 -2.60 -2.65
CA MET A 714 -25.69 -2.84 -4.11
C MET A 714 -24.49 -3.66 -4.53
N ARG A 715 -24.72 -4.62 -5.43
CA ARG A 715 -23.66 -5.28 -6.17
C ARG A 715 -23.33 -4.40 -7.38
N VAL A 716 -22.26 -4.74 -8.09
CA VAL A 716 -21.85 -3.99 -9.30
C VAL A 716 -23.00 -3.85 -10.30
N GLU A 717 -23.76 -4.93 -10.48
CA GLU A 717 -24.90 -4.99 -11.41
C GLU A 717 -26.00 -4.00 -11.01
N ASP A 718 -26.22 -3.85 -9.71
CA ASP A 718 -27.21 -2.90 -9.17
C ASP A 718 -26.77 -1.46 -9.40
N VAL A 719 -25.48 -1.20 -9.27
CA VAL A 719 -24.97 0.14 -9.51
C VAL A 719 -25.19 0.53 -10.99
N ASP A 720 -24.86 -0.39 -11.90
CA ASP A 720 -25.08 -0.22 -13.36
C ASP A 720 -26.55 0.04 -13.67
N ARG A 721 -27.46 -0.71 -13.06
CA ARG A 721 -28.90 -0.49 -13.25
C ARG A 721 -29.35 0.89 -12.78
N LEU A 722 -28.82 1.35 -11.63
CA LEU A 722 -29.12 2.72 -11.15
C LEU A 722 -28.58 3.79 -12.11
N ASP A 723 -27.38 3.58 -12.63
CA ASP A 723 -26.75 4.56 -13.56
C ASP A 723 -27.52 4.66 -14.86
N GLN A 724 -28.13 3.56 -15.30
CA GLN A 724 -28.95 3.56 -16.51
C GLN A 724 -30.22 4.38 -16.37
N ARG A 725 -30.96 4.22 -15.27
CA ARG A 725 -32.16 5.06 -15.04
C ARG A 725 -31.85 6.48 -14.52
N GLY A 726 -30.70 6.67 -13.87
CA GLY A 726 -30.29 7.96 -13.30
C GLY A 726 -30.43 7.94 -11.78
N TYR A 727 -29.33 8.22 -11.09
CA TYR A 727 -29.36 8.29 -9.62
C TYR A 727 -29.99 9.60 -9.18
N ASN A 728 -31.08 9.51 -8.43
CA ASN A 728 -31.74 10.67 -7.86
C ASN A 728 -31.75 10.51 -6.34
N ALA A 729 -30.83 11.22 -5.69
CA ALA A 729 -30.68 11.16 -4.24
C ALA A 729 -31.91 11.68 -3.50
N GLN A 730 -32.65 12.60 -4.11
CA GLN A 730 -33.86 13.17 -3.52
C GLN A 730 -34.89 12.09 -3.16
N GLU A 731 -34.98 11.05 -3.99
CA GLU A 731 -35.93 9.97 -3.75
C GLU A 731 -35.70 9.30 -2.38
N TYR A 732 -34.42 9.12 -1.99
CA TYR A 732 -34.06 8.48 -0.73
C TYR A 732 -34.35 9.41 0.45
N TYR A 733 -34.02 10.69 0.29
CA TYR A 733 -34.38 11.75 1.25
C TYR A 733 -35.89 11.78 1.51
N ASP A 734 -36.68 11.72 0.44
CA ASP A 734 -38.13 11.79 0.56
C ASP A 734 -38.74 10.56 1.23
N ARG A 735 -38.10 9.40 1.12
CA ARG A 735 -38.69 8.14 1.59
C ARG A 735 -38.20 7.63 2.94
N ILE A 736 -37.08 8.15 3.42
CA ILE A 736 -36.45 7.61 4.63
C ILE A 736 -36.40 8.74 5.66
N PRO A 737 -37.34 8.76 6.63
CA PRO A 737 -37.40 9.84 7.61
C PRO A 737 -36.10 10.02 8.42
N GLU A 738 -35.47 8.92 8.81
CA GLU A 738 -34.21 8.99 9.58
C GLU A 738 -33.09 9.64 8.79
N LEU A 739 -33.10 9.47 7.47
CA LEU A 739 -32.11 10.10 6.61
C LEU A 739 -32.38 11.59 6.45
N ARG A 740 -33.63 11.95 6.23
CA ARG A 740 -34.04 13.35 6.16
C ARG A 740 -33.65 14.14 7.42
N GLN A 741 -33.86 13.54 8.59
CA GLN A 741 -33.48 14.19 9.86
C GLN A 741 -31.98 14.53 9.89
N ILE A 742 -31.15 13.63 9.40
CA ILE A 742 -29.69 13.81 9.43
C ILE A 742 -29.27 14.97 8.52
N ILE A 743 -29.84 15.01 7.32
CA ILE A 743 -29.55 16.06 6.36
C ILE A 743 -29.99 17.43 6.89
N GLU A 744 -31.16 17.47 7.52
CA GLU A 744 -31.64 18.70 8.16
C GLU A 744 -30.73 19.16 9.30
N GLN A 745 -30.22 18.23 10.10
CA GLN A 745 -29.24 18.56 11.14
C GLN A 745 -27.94 19.13 10.56
N LEU A 746 -27.41 18.49 9.52
CA LEU A 746 -26.19 18.96 8.82
C LEU A 746 -26.38 20.38 8.24
N SER A 747 -27.49 20.59 7.55
CA SER A 747 -27.79 21.87 6.88
C SER A 747 -28.03 23.02 7.83
N SER A 748 -28.70 22.72 8.95
CA SER A 748 -29.15 23.77 9.85
C SER A 748 -28.09 24.16 10.88
N GLY A 749 -26.97 23.44 10.93
CA GLY A 749 -25.87 23.82 11.81
C GLY A 749 -25.83 23.12 13.16
N PHE A 750 -26.53 21.99 13.28
CA PHE A 750 -26.55 21.21 14.53
C PHE A 750 -25.13 20.76 14.96
N PHE A 751 -24.29 20.38 13.99
CA PHE A 751 -22.90 19.96 14.25
C PHE A 751 -21.84 21.06 14.06
N SER A 752 -22.28 22.30 13.88
CA SER A 752 -21.38 23.45 13.72
C SER A 752 -22.14 24.73 14.12
N PRO A 753 -22.51 24.86 15.42
CA PRO A 753 -23.41 25.96 15.82
C PRO A 753 -22.88 27.37 15.55
N LYS A 754 -21.56 27.53 15.66
CA LYS A 754 -20.93 28.83 15.40
C LYS A 754 -20.77 29.13 13.91
N GLN A 755 -20.74 28.10 13.06
CA GLN A 755 -20.66 28.27 11.59
C GLN A 755 -21.76 27.42 10.94
N PRO A 756 -23.02 27.90 10.97
CA PRO A 756 -24.15 27.04 10.56
C PRO A 756 -24.11 26.46 9.15
N ASP A 757 -23.49 27.16 8.21
CA ASP A 757 -23.39 26.68 6.82
C ASP A 757 -22.10 25.89 6.52
N LEU A 758 -21.34 25.51 7.54
CA LEU A 758 -20.02 24.90 7.34
C LEU A 758 -20.06 23.66 6.43
N PHE A 759 -21.10 22.84 6.58
CA PHE A 759 -21.19 21.58 5.85
C PHE A 759 -22.06 21.61 4.59
N LYS A 760 -22.37 22.80 4.07
CA LYS A 760 -23.25 22.89 2.89
C LYS A 760 -22.67 22.25 1.64
N ASP A 761 -21.34 22.23 1.47
CA ASP A 761 -20.74 21.55 0.32
C ASP A 761 -20.98 20.03 0.39
N ILE A 762 -20.92 19.48 1.60
CA ILE A 762 -21.18 18.03 1.81
C ILE A 762 -22.65 17.72 1.49
N VAL A 763 -23.56 18.51 2.02
CA VAL A 763 -25.00 18.32 1.76
C VAL A 763 -25.31 18.45 0.28
N ASN A 764 -24.78 19.50 -0.35
CA ASN A 764 -25.02 19.73 -1.77
C ASN A 764 -24.49 18.58 -2.64
N MET A 765 -23.31 18.08 -2.30
CA MET A 765 -22.74 16.93 -2.99
C MET A 765 -23.64 15.68 -2.83
N LEU A 766 -24.01 15.37 -1.59
CA LEU A 766 -24.86 14.18 -1.33
C LEU A 766 -26.21 14.24 -2.07
N MET A 767 -26.81 15.43 -2.09
CA MET A 767 -28.12 15.62 -2.69
C MET A 767 -28.09 15.71 -4.21
N HIS A 768 -27.01 16.20 -4.81
CA HIS A 768 -27.01 16.54 -6.26
C HIS A 768 -25.90 16.00 -7.15
N HIS A 769 -24.72 15.68 -6.62
CA HIS A 769 -23.67 15.11 -7.49
C HIS A 769 -22.79 14.08 -6.78
N ASP A 770 -23.47 13.11 -6.18
CA ASP A 770 -22.78 12.05 -5.50
C ASP A 770 -22.52 10.93 -6.51
N ARG A 771 -21.27 10.82 -6.96
CA ARG A 771 -20.86 9.73 -7.83
C ARG A 771 -20.86 8.36 -7.18
N PHE A 772 -20.88 8.30 -5.84
CA PHE A 772 -20.71 7.04 -5.13
C PHE A 772 -21.94 6.54 -4.36
N LYS A 773 -23.07 7.20 -4.58
CA LYS A 773 -24.39 6.68 -4.22
C LYS A 773 -24.51 6.32 -2.73
N VAL A 774 -24.08 7.25 -1.87
CA VAL A 774 -24.10 7.06 -0.42
C VAL A 774 -25.52 6.74 0.05
N PHE A 775 -26.52 7.50 -0.39
CA PHE A 775 -27.89 7.29 0.08
C PHE A 775 -28.47 5.95 -0.36
N ALA A 776 -28.04 5.46 -1.52
CA ALA A 776 -28.59 4.21 -2.07
C ALA A 776 -28.28 2.96 -1.23
N ASP A 777 -27.19 2.99 -0.44
CA ASP A 777 -26.83 1.89 0.45
C ASP A 777 -27.13 2.16 1.94
N TYR A 778 -27.72 3.31 2.27
CA TYR A 778 -27.94 3.70 3.66
C TYR A 778 -28.84 2.70 4.42
N GLU A 779 -30.00 2.40 3.87
CA GLU A 779 -30.96 1.55 4.58
C GLU A 779 -30.42 0.16 4.87
N GLU A 780 -29.85 -0.48 3.85
CA GLU A 780 -29.26 -1.82 4.00
C GLU A 780 -28.08 -1.81 4.98
N TYR A 781 -27.30 -0.74 4.95
CA TYR A 781 -26.17 -0.59 5.85
C TYR A 781 -26.60 -0.51 7.32
N VAL A 782 -27.60 0.33 7.61
CA VAL A 782 -28.10 0.47 8.99
C VAL A 782 -28.69 -0.85 9.50
N LYS A 783 -29.47 -1.54 8.66
CA LYS A 783 -30.04 -2.85 9.03
C LYS A 783 -28.99 -3.89 9.28
N CYS A 784 -27.95 -3.89 8.44
CA CYS A 784 -26.84 -4.82 8.61
C CYS A 784 -26.06 -4.54 9.91
N GLN A 785 -25.81 -3.26 10.22
CA GLN A 785 -25.22 -2.86 11.50
C GLN A 785 -26.03 -3.33 12.74
N GLU A 786 -27.36 -3.37 12.63
CA GLU A 786 -28.17 -3.91 13.72
C GLU A 786 -27.92 -5.41 13.92
N ARG A 787 -27.69 -6.13 12.83
CA ARG A 787 -27.32 -7.55 12.94
C ARG A 787 -25.94 -7.75 13.61
N VAL A 788 -25.02 -6.82 13.36
CA VAL A 788 -23.70 -6.86 14.00
C VAL A 788 -23.86 -6.75 15.51
N SER A 789 -24.63 -5.76 15.93
CA SER A 789 -24.90 -5.49 17.34
C SER A 789 -25.57 -6.68 18.02
N ALA A 790 -26.49 -7.33 17.31
CA ALA A 790 -27.16 -8.49 17.85
C ALA A 790 -26.19 -9.63 18.11
N LEU A 791 -25.27 -9.86 17.19
CA LEU A 791 -24.29 -10.93 17.37
C LEU A 791 -23.29 -10.61 18.49
N TYR A 792 -22.93 -9.33 18.63
CA TYR A 792 -21.96 -8.95 19.65
C TYR A 792 -22.45 -9.20 21.08
N LYS A 793 -23.77 -9.12 21.28
CA LYS A 793 -24.41 -9.51 22.56
C LYS A 793 -24.22 -10.96 22.98
N ASN A 794 -23.87 -11.85 22.04
CA ASN A 794 -23.60 -13.26 22.32
C ASN A 794 -22.10 -13.54 22.07
N PRO A 795 -21.23 -13.24 23.08
CA PRO A 795 -19.78 -13.33 22.88
C PRO A 795 -19.28 -14.69 22.38
N ARG A 796 -19.91 -15.79 22.80
CA ARG A 796 -19.47 -17.11 22.35
C ARG A 796 -19.66 -17.29 20.83
N GLU A 797 -20.84 -16.90 20.32
CA GLU A 797 -21.11 -16.98 18.88
C GLU A 797 -20.35 -15.95 18.05
N TRP A 798 -20.17 -14.75 18.59
CA TRP A 798 -19.28 -13.79 17.95
C TRP A 798 -17.89 -14.41 17.75
N THR A 799 -17.32 -14.94 18.83
CA THR A 799 -15.98 -15.53 18.76
C THR A 799 -15.91 -16.76 17.84
N ARG A 800 -16.96 -17.58 17.80
CA ARG A 800 -16.98 -18.72 16.87
C ARG A 800 -16.94 -18.24 15.43
N MET A 801 -17.71 -17.19 15.12
CA MET A 801 -17.64 -16.60 13.77
C MET A 801 -16.24 -16.04 13.45
N VAL A 802 -15.62 -15.39 14.43
CA VAL A 802 -14.22 -14.93 14.28
C VAL A 802 -13.29 -16.09 13.93
N ILE A 803 -13.41 -17.22 14.63
CA ILE A 803 -12.52 -18.34 14.36
C ILE A 803 -12.68 -18.80 12.90
N ARG A 804 -13.91 -18.84 12.42
CA ARG A 804 -14.20 -19.22 11.03
C ARG A 804 -13.56 -18.26 10.02
N ASN A 805 -13.44 -16.98 10.40
CA ASN A 805 -12.76 -15.99 9.54
C ASN A 805 -11.22 -16.21 9.54
N ILE A 806 -10.64 -16.29 10.73
CA ILE A 806 -9.18 -16.44 10.85
C ILE A 806 -8.75 -17.72 10.14
N ALA A 807 -9.53 -18.78 10.37
CA ALA A 807 -9.25 -20.10 9.80
C ALA A 807 -9.22 -20.14 8.28
N THR A 808 -9.95 -19.24 7.62
CA THR A 808 -10.08 -19.23 6.15
C THR A 808 -9.37 -18.03 5.51
N SER A 809 -8.49 -17.37 6.26
CA SER A 809 -7.80 -16.21 5.75
C SER A 809 -6.53 -16.57 4.96
N GLY A 810 -6.18 -17.86 4.89
CA GLY A 810 -4.92 -18.31 4.29
C GLY A 810 -4.70 -17.90 2.83
N LYS A 811 -5.77 -17.85 2.04
CA LYS A 811 -5.66 -17.43 0.63
C LYS A 811 -5.04 -16.02 0.49
N PHE A 812 -5.18 -15.21 1.53
CA PHE A 812 -4.80 -13.80 1.46
C PHE A 812 -3.41 -13.50 1.92
N SER A 813 -2.60 -14.54 2.06
CA SER A 813 -1.15 -14.38 2.19
C SER A 813 -0.54 -13.88 0.87
N SER A 814 0.34 -12.89 0.97
CA SER A 814 1.10 -12.44 -0.19
C SER A 814 2.07 -13.50 -0.68
N ASP A 815 2.38 -14.52 0.13
CA ASP A 815 3.14 -15.68 -0.35
C ASP A 815 2.38 -16.41 -1.45
N ARG A 816 1.06 -16.53 -1.30
CA ARG A 816 0.22 -17.13 -2.35
C ARG A 816 0.24 -16.24 -3.60
N THR A 817 0.03 -14.93 -3.42
CA THR A 817 0.02 -13.99 -4.53
C THR A 817 1.34 -14.07 -5.33
N ILE A 818 2.46 -13.99 -4.63
CA ILE A 818 3.78 -14.02 -5.26
C ILE A 818 4.09 -15.35 -5.97
N ALA A 819 3.70 -16.47 -5.37
CA ALA A 819 3.84 -17.75 -6.05
C ALA A 819 3.10 -17.78 -7.40
N GLN A 820 1.94 -17.11 -7.47
CA GLN A 820 1.17 -17.05 -8.72
C GLN A 820 1.83 -16.13 -9.77
N TYR A 821 2.27 -14.95 -9.36
CA TYR A 821 3.08 -14.11 -10.25
C TYR A 821 4.28 -14.88 -10.81
N ALA A 822 5.01 -15.55 -9.92
CA ALA A 822 6.22 -16.30 -10.28
C ALA A 822 5.95 -17.36 -11.36
N ARG A 823 4.95 -18.18 -11.09
CA ARG A 823 4.64 -19.29 -12.01
C ARG A 823 3.92 -18.83 -13.28
N GLU A 824 3.00 -17.87 -13.18
CA GLU A 824 2.10 -17.54 -14.32
C GLU A 824 2.55 -16.32 -15.13
N ILE A 825 3.44 -15.50 -14.58
CA ILE A 825 3.92 -14.32 -15.28
C ILE A 825 5.44 -14.34 -15.48
N TRP A 826 6.20 -14.54 -14.41
CA TRP A 826 7.66 -14.41 -14.46
C TRP A 826 8.40 -15.63 -14.95
N GLY A 827 7.77 -16.80 -14.85
CA GLY A 827 8.36 -18.07 -15.30
C GLY A 827 9.51 -18.55 -14.43
N VAL A 828 9.35 -18.40 -13.11
CA VAL A 828 10.35 -18.86 -12.12
C VAL A 828 9.63 -19.67 -11.05
N GLU A 829 10.35 -20.61 -10.44
CA GLU A 829 9.77 -21.50 -9.45
C GLU A 829 10.17 -20.98 -8.06
N PRO A 830 9.18 -20.74 -7.18
CA PRO A 830 9.51 -20.39 -5.80
C PRO A 830 10.17 -21.55 -5.03
N SER A 831 10.88 -21.21 -3.97
CA SER A 831 11.59 -22.19 -3.16
C SER A 831 11.51 -21.81 -1.68
N ARG A 832 11.18 -22.79 -0.83
CA ARG A 832 11.22 -22.61 0.64
C ARG A 832 12.53 -23.12 1.29
N GLN A 833 13.50 -23.57 0.47
CA GLN A 833 14.77 -24.07 0.98
C GLN A 833 15.68 -22.93 1.52
N ARG A 834 16.35 -23.24 2.62
CA ARG A 834 17.21 -22.31 3.32
C ARG A 834 18.57 -22.25 2.64
N LEU A 835 19.14 -21.05 2.52
CA LEU A 835 20.56 -20.90 2.22
C LEU A 835 21.33 -21.24 3.49
N PRO A 836 22.60 -21.67 3.37
CA PRO A 836 23.41 -21.90 4.58
C PRO A 836 23.67 -20.60 5.35
N ALA A 837 23.69 -20.69 6.68
CA ALA A 837 23.91 -19.53 7.55
C ALA A 837 25.41 -19.26 7.73
C1 B1K B . -4.43 2.05 -5.55
C4 B1K B . -3.57 3.77 -6.47
C6 B1K B . -2.87 4.91 -6.68
C7 B1K B . -3.05 5.67 -7.85
N3 B1K B . -4.31 3.18 -7.40
N2 B1K B . -4.86 2.08 -6.81
C13 B1K B . 0.44 8.78 -6.63
O12 B1K B . -0.70 8.43 -7.40
C9 B1K B . -1.37 7.27 -7.11
C10 B1K B . -1.17 6.52 -5.95
C11 B1K B . -1.90 5.34 -5.75
C8 B1K B . -2.32 6.84 -8.04
N5 B1K B . -3.64 3.09 -5.30
C1' B1K B . -4.81 0.97 -4.56
O5' B1K B . -4.01 -0.19 -4.86
C5' B1K B . -4.19 -1.22 -3.88
C6' B1K B . -3.18 -2.32 -4.11
O6' B1K B . -3.53 -3.03 -5.31
C4' B1K B . -5.67 -1.77 -3.92
O4' B1K B . -5.84 -2.76 -2.85
C3' B1K B . -6.64 -0.64 -3.74
O3' B1K B . -7.98 -1.15 -3.99
C2' B1K B . -6.30 0.52 -4.72
O2' B1K B . -7.19 1.64 -4.54
S DMS C . 8.48 -5.83 26.52
O DMS C . 8.02 -7.21 26.19
C1 DMS C . 7.46 -5.16 27.72
C2 DMS C . 9.97 -5.91 27.35
N1 PLP D . -2.64 2.60 4.69
C2 PLP D . -1.92 1.89 5.55
C2A PLP D . -1.01 2.56 6.53
C3 PLP D . -1.98 0.44 5.53
O3 PLP D . -1.24 -0.32 6.38
C4 PLP D . -2.90 -0.19 4.57
C4A PLP D . -3.04 -1.66 4.46
C5 PLP D . -3.64 0.68 3.66
C6 PLP D . -3.49 2.06 3.77
C5A PLP D . -4.63 0.10 2.64
O4P PLP D . -5.89 0.00 3.33
P PLP D . -7.24 -0.12 2.42
O1P PLP D . -8.28 -0.26 3.51
O2P PLP D . -7.33 1.12 1.63
O3P PLP D . -7.05 -1.36 1.60
#